data_3RDK
#
_entry.id   3RDK
#
_cell.length_a   165.113
_cell.length_b   165.113
_cell.length_c   66.355
_cell.angle_alpha   90.00
_cell.angle_beta   90.00
_cell.angle_gamma   90.00
#
_symmetry.space_group_name_H-M   'P 43 21 2'
#
loop_
_entity.id
_entity.type
_entity.pdbx_description
1 polymer Endo-1,4-beta-xylanase
2 branched '4-O-methyl-alpha-D-glucopyranuronic acid-(1-2)-beta-D-xylopyranose-(1-4)-beta-D-xylopyranose-(1-4)-alpha-D-xylopyranose'
3 non-polymer GLYCEROL
4 non-polymer 'CHLORIDE ION'
5 non-polymer 'MAGNESIUM ION'
6 water water
#
_entity_poly.entity_id   1
_entity_poly.type   'polypeptide(L)'
_entity_poly.pdbx_seq_one_letter_code
;GSHMAPLKDVYKNDFLIGNAISAEDLEGTRLELLKMHHDVVTAGNAMKPDALQPTKGNFTFTAADAMIDKVLAEGMKMHG
HVLVWHQQSPAWLNTKKDDNNNTVPLGRDEALDNLRTHIQTVMKHFGNKVISWDVVNEAMNDNPSNPADYKASLRQTPWY
QAIGSDYVEQAFLAAREVLDENPSWNIKLYYNDYNEDNQNKATAIYNMVKDINDRYAAAHNGKLLIDGVGMQGHYNINTN
PDNVKLSLEKFISLGVEVSVSELDVTAGNNYTLPENLAVGQAYLYAQLFKLYKEHADHIARVTFWGMDDNTSWRAENNPL
LFDKNLQAKPAYYGVIDPAEQ
;
_entity_poly.pdbx_strand_id   A,B
#
# COMPACT_ATOMS: atom_id res chain seq x y z
N ALA A 5 10.63 -7.90 32.59
CA ALA A 5 12.04 -7.39 32.23
C ALA A 5 12.04 -6.84 30.81
N PRO A 6 12.78 -5.78 30.55
CA PRO A 6 12.66 -5.36 29.16
C PRO A 6 13.45 -6.40 28.31
N LEU A 7 12.92 -6.74 27.13
CA LEU A 7 13.60 -7.78 26.31
C LEU A 7 15.04 -7.29 25.97
N LYS A 8 15.19 -6.01 25.62
CA LYS A 8 16.48 -5.50 25.15
C LYS A 8 17.49 -5.53 26.30
N ASP A 9 17.02 -5.54 27.55
CA ASP A 9 17.96 -5.64 28.71
C ASP A 9 18.36 -7.08 28.91
N VAL A 10 17.42 -8.00 28.81
CA VAL A 10 17.75 -9.43 28.92
C VAL A 10 18.86 -9.84 27.94
N TYR A 11 18.79 -9.33 26.70
CA TYR A 11 19.65 -9.80 25.63
C TYR A 11 20.66 -8.74 25.25
N LYS A 12 20.89 -7.78 26.18
CA LYS A 12 21.81 -6.71 25.86
C LYS A 12 23.17 -7.16 25.40
N ASN A 13 23.69 -8.27 25.92
CA ASN A 13 25.03 -8.65 25.46
C ASN A 13 25.02 -9.69 24.34
N ASP A 14 23.84 -9.93 23.74
CA ASP A 14 23.74 -11.07 22.84
C ASP A 14 23.43 -10.62 21.40
N PHE A 15 22.40 -9.77 21.29
CA PHE A 15 21.95 -9.28 19.93
C PHE A 15 20.97 -8.16 20.21
N LEU A 16 20.82 -7.28 19.22
CA LEU A 16 19.78 -6.25 19.28
C LEU A 16 18.42 -6.97 19.30
N ILE A 17 17.46 -6.36 19.96
CA ILE A 17 16.08 -6.94 19.93
C ILE A 17 15.25 -5.97 19.15
N GLY A 18 14.59 -6.44 18.10
CA GLY A 18 13.87 -5.62 17.20
C GLY A 18 12.39 -5.83 17.15
N ASN A 19 11.73 -4.85 16.52
CA ASN A 19 10.32 -5.04 16.12
C ASN A 19 10.06 -4.46 14.76
N ALA A 20 8.84 -4.51 14.30
CA ALA A 20 8.51 -4.20 12.93
C ALA A 20 7.26 -3.28 13.02
N ILE A 21 7.40 -2.08 12.47
CA ILE A 21 6.45 -1.06 12.81
C ILE A 21 5.74 -0.40 11.67
N SER A 22 4.58 0.18 12.06
CA SER A 22 3.92 1.16 11.16
C SER A 22 3.82 2.55 11.86
N ALA A 23 3.17 3.52 11.23
CA ALA A 23 3.03 4.82 11.86
C ALA A 23 2.24 4.72 13.19
N GLU A 24 1.41 3.69 13.38
CA GLU A 24 0.62 3.50 14.63
CA GLU A 24 0.60 3.51 14.63
C GLU A 24 1.54 3.28 15.83
N ASP A 25 2.77 2.76 15.58
CA ASP A 25 3.60 2.34 16.74
C ASP A 25 4.40 3.46 17.30
N LEU A 26 4.28 4.63 16.73
CA LEU A 26 5.14 5.74 17.12
C LEU A 26 4.40 6.78 17.98
N GLU A 27 3.26 6.36 18.51
CA GLU A 27 2.55 7.26 19.42
C GLU A 27 1.95 6.45 20.57
N GLY A 28 1.64 7.16 21.64
CA GLY A 28 0.88 6.56 22.73
C GLY A 28 1.49 5.38 23.44
N THR A 29 0.65 4.46 24.00
CA THR A 29 1.23 3.38 24.77
C THR A 29 2.06 2.44 23.89
N ARG A 30 1.65 2.34 22.59
CA ARG A 30 2.47 1.47 21.71
C ARG A 30 3.93 1.96 21.60
N LEU A 31 4.14 3.28 21.49
CA LEU A 31 5.52 3.79 21.43
C LEU A 31 6.22 3.49 22.72
N GLU A 32 5.50 3.65 23.84
CA GLU A 32 6.19 3.30 25.09
C GLU A 32 6.64 1.87 25.23
N LEU A 33 5.73 0.98 24.82
N LEU A 33 5.79 0.95 24.83
CA LEU A 33 6.01 -0.47 24.81
CA LEU A 33 6.20 -0.44 24.92
C LEU A 33 7.18 -0.78 23.85
C LEU A 33 7.28 -0.75 23.87
N LEU A 34 7.15 -0.12 22.69
CA LEU A 34 8.17 -0.36 21.66
C LEU A 34 9.56 0.05 22.27
N LYS A 35 9.67 1.29 22.78
CA LYS A 35 10.93 1.77 23.31
C LYS A 35 11.40 0.95 24.52
N MET A 36 10.46 0.50 25.33
CA MET A 36 10.88 -0.21 26.58
C MET A 36 11.58 -1.52 26.24
N HIS A 37 11.14 -2.16 25.16
CA HIS A 37 11.58 -3.55 24.91
C HIS A 37 12.59 -3.67 23.74
N HIS A 38 12.70 -2.69 22.84
CA HIS A 38 13.46 -3.01 21.61
C HIS A 38 14.55 -1.94 21.39
N ASP A 39 15.64 -2.39 20.78
CA ASP A 39 16.79 -1.53 20.42
C ASP A 39 16.67 -1.07 18.96
N VAL A 40 15.89 -1.78 18.14
CA VAL A 40 15.92 -1.51 16.71
C VAL A 40 14.55 -1.80 16.13
N VAL A 41 14.28 -1.16 14.98
CA VAL A 41 13.02 -1.46 14.31
C VAL A 41 13.28 -1.61 12.83
N THR A 42 12.33 -2.36 12.21
CA THR A 42 12.25 -2.45 10.76
C THR A 42 10.91 -1.83 10.33
N ALA A 43 10.93 -1.07 9.25
CA ALA A 43 9.61 -0.58 8.72
C ALA A 43 8.82 -1.81 8.17
N GLY A 44 7.57 -2.07 8.66
CA GLY A 44 6.82 -3.20 8.13
C GLY A 44 6.53 -3.03 6.62
N ASN A 45 6.28 -1.78 6.21
CA ASN A 45 5.96 -1.51 4.78
C ASN A 45 6.56 -0.22 4.20
N ALA A 46 6.99 0.72 5.03
CA ALA A 46 7.18 2.09 4.50
C ALA A 46 8.46 2.24 3.64
N MET A 47 9.29 1.19 3.62
CA MET A 47 10.55 1.31 2.85
C MET A 47 10.61 0.25 1.76
N LYS A 48 9.48 -0.34 1.42
CA LYS A 48 9.42 -1.27 0.28
C LYS A 48 9.42 -0.55 -1.09
N PRO A 49 9.70 -1.26 -2.18
CA PRO A 49 9.82 -0.56 -3.47
C PRO A 49 8.55 0.18 -3.89
N ASP A 50 7.38 -0.44 -3.59
CA ASP A 50 6.12 0.22 -3.93
C ASP A 50 5.92 1.56 -3.20
N ALA A 51 6.51 1.72 -2.00
CA ALA A 51 6.41 2.84 -1.13
C ALA A 51 7.41 3.92 -1.42
N LEU A 52 8.49 3.56 -2.09
CA LEU A 52 9.56 4.50 -2.27
C LEU A 52 9.72 4.92 -3.77
N GLN A 53 9.27 4.13 -4.73
CA GLN A 53 9.43 4.61 -6.16
C GLN A 53 8.24 4.08 -6.93
N PRO A 54 7.04 4.60 -6.66
CA PRO A 54 5.83 3.96 -7.22
C PRO A 54 5.70 4.05 -8.73
N THR A 55 6.30 5.10 -9.29
CA THR A 55 6.40 5.20 -10.79
C THR A 55 7.80 5.70 -11.10
N LYS A 56 8.22 5.48 -12.36
CA LYS A 56 9.64 5.70 -12.65
C LYS A 56 10.09 7.12 -12.41
N GLY A 57 11.14 7.26 -11.60
CA GLY A 57 11.67 8.55 -11.31
C GLY A 57 10.95 9.38 -10.30
N ASN A 58 9.90 8.77 -9.75
CA ASN A 58 9.02 9.47 -8.72
C ASN A 58 9.35 8.83 -7.37
N PHE A 59 10.44 9.37 -6.74
CA PHE A 59 10.86 8.82 -5.44
C PHE A 59 10.10 9.54 -4.36
N THR A 60 9.56 8.75 -3.45
CA THR A 60 8.60 9.26 -2.44
C THR A 60 9.17 8.90 -1.05
N PHE A 61 9.89 9.83 -0.46
CA PHE A 61 10.57 9.53 0.80
C PHE A 61 9.94 10.20 1.99
N THR A 62 8.90 10.99 1.78
CA THR A 62 8.49 11.91 2.89
C THR A 62 8.04 11.07 4.14
N ALA A 63 7.14 10.11 3.95
CA ALA A 63 6.59 9.34 5.14
C ALA A 63 7.74 8.51 5.73
N ALA A 64 8.60 7.96 4.86
CA ALA A 64 9.66 7.06 5.41
C ALA A 64 10.66 7.92 6.22
N ASP A 65 10.97 9.14 5.75
CA ASP A 65 11.89 10.02 6.41
C ASP A 65 11.29 10.43 7.76
N ALA A 66 9.95 10.70 7.81
CA ALA A 66 9.40 11.02 9.13
C ALA A 66 9.49 9.88 10.13
N MET A 67 9.27 8.65 9.65
CA MET A 67 9.33 7.42 10.50
C MET A 67 10.76 7.29 11.03
N ILE A 68 11.74 7.28 10.12
N ILE A 68 11.73 7.27 10.13
CA ILE A 68 13.10 7.04 10.59
CA ILE A 68 13.11 7.05 10.58
C ILE A 68 13.62 8.14 11.53
C ILE A 68 13.59 8.13 11.54
N ASP A 69 13.25 9.39 11.26
CA ASP A 69 13.67 10.48 12.16
C ASP A 69 13.08 10.32 13.55
N LYS A 70 11.84 9.83 13.62
CA LYS A 70 11.20 9.65 14.91
C LYS A 70 11.81 8.44 15.66
N VAL A 71 12.09 7.35 14.93
CA VAL A 71 12.70 6.14 15.53
C VAL A 71 14.04 6.59 16.12
N LEU A 72 14.86 7.32 15.33
CA LEU A 72 16.17 7.72 15.87
C LEU A 72 16.06 8.71 17.07
N ALA A 73 15.11 9.63 17.03
CA ALA A 73 14.93 10.60 18.11
C ALA A 73 14.47 9.87 19.36
N GLU A 74 13.84 8.72 19.20
CA GLU A 74 13.31 7.94 20.32
C GLU A 74 14.28 6.92 20.79
N GLY A 75 15.52 7.04 20.34
CA GLY A 75 16.59 6.17 20.87
C GLY A 75 16.76 4.80 20.27
N MET A 76 16.11 4.55 19.12
CA MET A 76 16.24 3.21 18.53
C MET A 76 17.00 3.32 17.21
N LYS A 77 17.50 2.19 16.74
CA LYS A 77 18.16 2.08 15.43
C LYS A 77 17.12 1.58 14.40
N MET A 78 17.48 1.68 13.12
CA MET A 78 16.59 1.23 12.04
CA MET A 78 16.61 1.28 12.02
C MET A 78 17.32 0.27 11.11
N HIS A 79 16.70 -0.88 10.85
CA HIS A 79 17.13 -1.79 9.78
C HIS A 79 16.34 -1.46 8.53
N GLY A 80 16.98 -1.34 7.38
CA GLY A 80 16.26 -0.95 6.15
C GLY A 80 15.68 -2.17 5.44
N HIS A 81 14.36 -2.06 5.07
CA HIS A 81 13.73 -3.23 4.45
C HIS A 81 12.76 -2.65 3.39
N VAL A 82 12.88 -2.90 2.10
CA VAL A 82 13.76 -3.90 1.46
C VAL A 82 13.90 -3.36 0.03
N LEU A 83 15.11 -3.53 -0.54
CA LEU A 83 15.40 -2.89 -1.88
C LEU A 83 14.88 -3.66 -3.09
N VAL A 84 14.78 -4.98 -3.02
CA VAL A 84 14.46 -5.77 -4.23
C VAL A 84 13.55 -6.92 -3.67
N TRP A 85 12.32 -7.02 -4.26
CA TRP A 85 11.44 -8.12 -3.91
C TRP A 85 10.43 -8.32 -5.01
N HIS A 86 9.79 -9.47 -5.01
CA HIS A 86 8.73 -9.80 -6.09
C HIS A 86 7.32 -9.49 -5.62
N GLN A 87 7.20 -9.01 -4.38
CA GLN A 87 5.87 -8.52 -3.87
C GLN A 87 6.06 -7.01 -3.52
N GLN A 88 4.95 -6.25 -3.39
CA GLN A 88 5.01 -4.84 -3.03
C GLN A 88 6.06 -4.08 -3.81
N SER A 89 6.09 -4.31 -5.15
CA SER A 89 7.16 -3.81 -5.99
C SER A 89 6.45 -3.41 -7.32
N PRO A 90 6.57 -2.19 -7.73
CA PRO A 90 5.80 -1.73 -8.94
C PRO A 90 6.24 -2.37 -10.23
N ALA A 91 5.24 -2.59 -11.08
CA ALA A 91 5.48 -3.44 -12.29
C ALA A 91 6.41 -2.72 -13.26
N TRP A 92 6.44 -1.41 -13.26
CA TRP A 92 7.30 -0.66 -14.19
C TRP A 92 8.79 -1.01 -14.10
N LEU A 93 9.21 -1.52 -12.93
CA LEU A 93 10.65 -1.77 -12.73
C LEU A 93 11.16 -2.81 -13.69
N ASN A 94 10.37 -3.83 -13.96
CA ASN A 94 10.89 -5.00 -14.71
C ASN A 94 9.92 -5.58 -15.79
N THR A 95 8.84 -4.87 -16.01
CA THR A 95 7.90 -5.28 -17.09
C THR A 95 7.42 -4.15 -17.93
N LYS A 96 6.82 -4.54 -19.13
CA LYS A 96 6.12 -3.58 -19.91
C LYS A 96 4.96 -4.32 -20.56
N LYS A 97 4.12 -3.49 -21.20
CA LYS A 97 2.97 -3.92 -22.05
C LYS A 97 3.42 -4.06 -23.48
N ASP A 98 3.43 -5.30 -24.03
CA ASP A 98 3.65 -5.51 -25.51
C ASP A 98 2.50 -4.87 -26.36
N ASP A 99 2.61 -4.90 -27.70
CA ASP A 99 1.49 -4.35 -28.54
C ASP A 99 0.12 -4.95 -28.21
N ASN A 100 0.03 -6.29 -28.32
CA ASN A 100 -1.21 -7.05 -27.98
C ASN A 100 -1.61 -6.93 -26.47
N ASN A 101 -1.28 -5.78 -25.87
CA ASN A 101 -1.40 -5.51 -24.40
C ASN A 101 -1.20 -6.66 -23.34
N ASN A 102 -0.24 -7.58 -23.58
CA ASN A 102 0.18 -8.55 -22.55
C ASN A 102 1.40 -8.01 -21.75
N THR A 103 1.50 -8.39 -20.48
CA THR A 103 2.63 -7.98 -19.62
C THR A 103 3.77 -8.88 -19.91
N VAL A 104 4.89 -8.29 -20.32
CA VAL A 104 6.05 -9.13 -20.63
C VAL A 104 7.30 -8.54 -19.93
N PRO A 105 8.34 -9.37 -19.78
CA PRO A 105 9.60 -8.82 -19.14
C PRO A 105 10.24 -7.68 -19.92
N LEU A 106 10.89 -6.78 -19.23
CA LEU A 106 11.74 -5.78 -19.88
C LEU A 106 13.00 -6.54 -20.32
N GLY A 107 13.79 -5.91 -21.22
CA GLY A 107 15.10 -6.46 -21.58
C GLY A 107 16.08 -6.29 -20.44
N ARG A 108 17.11 -7.14 -20.43
CA ARG A 108 18.14 -7.08 -19.36
C ARG A 108 18.73 -5.71 -19.17
N ASP A 109 19.08 -5.00 -20.23
CA ASP A 109 19.77 -3.69 -19.96
C ASP A 109 18.86 -2.67 -19.28
N GLU A 110 17.61 -2.68 -19.65
CA GLU A 110 16.73 -1.63 -19.13
C GLU A 110 16.33 -2.04 -17.72
N ALA A 111 16.04 -3.33 -17.48
CA ALA A 111 15.70 -3.76 -16.11
C ALA A 111 16.93 -3.52 -15.18
N LEU A 112 18.15 -3.85 -15.63
CA LEU A 112 19.35 -3.66 -14.78
C LEU A 112 19.52 -2.19 -14.41
N ASP A 113 19.29 -1.29 -15.36
CA ASP A 113 19.34 0.14 -15.10
C ASP A 113 18.28 0.50 -14.02
N ASN A 114 17.07 -0.06 -14.12
CA ASN A 114 16.05 0.27 -13.07
C ASN A 114 16.41 -0.27 -11.69
N LEU A 115 16.98 -1.45 -11.69
CA LEU A 115 17.33 -2.16 -10.48
C LEU A 115 18.42 -1.28 -9.81
N ARG A 116 19.49 -0.97 -10.56
CA ARG A 116 20.62 -0.22 -9.97
CA ARG A 116 20.61 -0.22 -9.99
C ARG A 116 20.18 1.17 -9.49
N THR A 117 19.38 1.89 -10.24
CA THR A 117 19.03 3.25 -9.90
C THR A 117 18.15 3.18 -8.63
N HIS A 118 17.30 2.14 -8.54
CA HIS A 118 16.40 2.07 -7.33
C HIS A 118 17.27 1.89 -6.05
N ILE A 119 18.10 0.88 -6.15
CA ILE A 119 18.98 0.52 -4.98
C ILE A 119 19.83 1.75 -4.64
N GLN A 120 20.47 2.38 -5.63
CA GLN A 120 21.47 3.43 -5.33
C GLN A 120 20.76 4.69 -4.81
N THR A 121 19.62 5.03 -5.44
CA THR A 121 19.02 6.34 -5.04
C THR A 121 18.47 6.16 -3.60
N VAL A 122 17.85 5.01 -3.34
CA VAL A 122 17.27 4.80 -1.98
C VAL A 122 18.39 4.71 -0.98
N MET A 123 19.46 3.96 -1.29
CA MET A 123 20.49 3.89 -0.23
C MET A 123 21.16 5.25 0.03
N LYS A 124 21.40 6.02 -1.03
CA LYS A 124 22.07 7.26 -0.85
C LYS A 124 21.14 8.23 -0.10
N HIS A 125 19.82 8.08 -0.31
CA HIS A 125 18.92 9.00 0.36
C HIS A 125 18.97 8.86 1.91
N PHE A 126 18.89 7.62 2.36
CA PHE A 126 18.91 7.39 3.80
C PHE A 126 20.28 7.44 4.41
N GLY A 127 21.32 7.15 3.62
CA GLY A 127 22.67 7.15 4.18
C GLY A 127 22.82 6.22 5.41
N ASN A 128 23.57 6.69 6.42
CA ASN A 128 23.77 5.85 7.58
C ASN A 128 22.73 6.04 8.69
N LYS A 129 21.52 6.47 8.28
CA LYS A 129 20.39 6.48 9.20
C LYS A 129 19.95 5.03 9.43
N VAL A 130 20.30 4.09 8.56
CA VAL A 130 20.05 2.69 8.86
C VAL A 130 21.33 1.99 9.21
N ILE A 131 21.26 0.88 9.97
CA ILE A 131 22.42 0.07 10.26
C ILE A 131 22.63 -1.08 9.28
N SER A 132 21.64 -1.34 8.38
CA SER A 132 21.72 -2.53 7.50
C SER A 132 20.60 -2.34 6.56
N TRP A 133 20.73 -3.05 5.42
CA TRP A 133 19.66 -3.16 4.44
C TRP A 133 19.43 -4.58 4.05
N ASP A 134 18.15 -4.98 3.97
CA ASP A 134 17.79 -6.20 3.20
C ASP A 134 17.84 -5.77 1.72
N VAL A 135 18.88 -6.25 1.00
CA VAL A 135 19.03 -5.79 -0.38
C VAL A 135 18.10 -6.64 -1.22
N VAL A 136 18.13 -7.95 -1.03
CA VAL A 136 17.25 -8.83 -1.88
C VAL A 136 16.50 -9.75 -0.87
N ASN A 137 15.19 -9.85 -1.12
CA ASN A 137 14.31 -10.67 -0.30
C ASN A 137 13.72 -11.80 -1.14
N GLU A 138 13.73 -12.98 -0.51
CA GLU A 138 12.89 -14.11 -0.94
C GLU A 138 13.13 -14.47 -2.42
N ALA A 139 14.39 -14.74 -2.76
CA ALA A 139 14.69 -14.99 -4.19
C ALA A 139 14.61 -16.48 -4.47
N MET A 140 14.62 -17.29 -3.46
CA MET A 140 14.69 -18.78 -3.60
C MET A 140 13.34 -19.51 -3.62
N ASN A 141 13.19 -20.51 -4.52
CA ASN A 141 11.97 -21.32 -4.45
C ASN A 141 11.87 -22.10 -3.18
N ASP A 142 10.60 -22.43 -2.77
CA ASP A 142 10.48 -23.29 -1.61
C ASP A 142 10.81 -24.72 -1.92
N ASN A 143 11.32 -25.46 -0.92
CA ASN A 143 11.64 -26.89 -1.03
C ASN A 143 12.22 -27.24 -2.40
N PRO A 144 13.30 -26.60 -2.82
CA PRO A 144 13.79 -26.78 -4.23
C PRO A 144 14.28 -28.27 -4.38
N SER A 145 13.93 -28.89 -5.51
CA SER A 145 14.36 -30.32 -5.61
C SER A 145 15.84 -30.47 -5.96
N ASN A 146 16.42 -29.43 -6.59
CA ASN A 146 17.85 -29.47 -6.98
C ASN A 146 18.65 -28.30 -6.38
N PRO A 147 18.83 -28.29 -5.02
CA PRO A 147 19.44 -27.11 -4.39
C PRO A 147 20.92 -27.09 -4.72
N ALA A 148 21.48 -28.21 -5.26
CA ALA A 148 22.86 -28.15 -5.81
C ALA A 148 23.08 -27.14 -6.90
N ASP A 149 22.01 -26.77 -7.62
CA ASP A 149 22.03 -25.73 -8.64
C ASP A 149 21.22 -24.54 -8.13
N TYR A 150 21.91 -23.60 -7.47
CA TYR A 150 21.13 -22.47 -6.94
C TYR A 150 20.39 -21.69 -8.00
N LYS A 151 20.97 -21.57 -9.17
CA LYS A 151 20.37 -20.72 -10.19
CA LYS A 151 20.37 -20.72 -10.18
C LYS A 151 19.10 -21.35 -10.68
N ALA A 152 19.09 -22.67 -10.78
CA ALA A 152 17.89 -23.38 -11.21
C ALA A 152 16.90 -23.39 -10.04
N SER A 153 17.36 -23.12 -8.81
CA SER A 153 16.47 -23.14 -7.65
C SER A 153 15.81 -21.79 -7.39
N LEU A 154 16.23 -20.77 -8.12
CA LEU A 154 15.71 -19.41 -7.92
C LEU A 154 14.25 -19.32 -8.37
N ARG A 155 13.44 -18.61 -7.61
CA ARG A 155 12.09 -18.25 -7.98
CA ARG A 155 12.09 -18.30 -8.06
C ARG A 155 12.20 -17.47 -9.28
N GLN A 156 11.46 -17.87 -10.34
CA GLN A 156 11.48 -17.12 -11.56
C GLN A 156 10.58 -15.88 -11.54
N THR A 157 10.97 -14.89 -10.74
CA THR A 157 10.24 -13.69 -10.50
C THR A 157 10.39 -12.72 -11.66
N PRO A 158 9.70 -11.55 -11.61
CA PRO A 158 9.89 -10.58 -12.64
C PRO A 158 11.33 -10.12 -12.81
N TRP A 159 12.07 -9.93 -11.71
CA TRP A 159 13.50 -9.62 -11.88
C TRP A 159 14.30 -10.73 -12.55
N TYR A 160 14.04 -11.98 -12.19
CA TYR A 160 14.73 -13.05 -12.89
C TYR A 160 14.39 -13.06 -14.37
N GLN A 161 13.14 -12.79 -14.68
CA GLN A 161 12.66 -12.91 -16.10
C GLN A 161 13.20 -11.83 -16.98
N ALA A 162 13.33 -10.62 -16.45
CA ALA A 162 13.98 -9.54 -17.17
C ALA A 162 15.50 -9.63 -17.20
N ILE A 163 16.15 -9.96 -16.08
CA ILE A 163 17.61 -9.75 -15.96
C ILE A 163 18.35 -11.04 -16.18
N GLY A 164 17.85 -12.12 -15.60
CA GLY A 164 18.49 -13.43 -15.54
C GLY A 164 18.94 -13.83 -14.19
N SER A 165 19.52 -15.03 -14.11
CA SER A 165 19.81 -15.62 -12.84
C SER A 165 20.87 -14.88 -12.02
N ASP A 166 21.55 -13.91 -12.63
CA ASP A 166 22.59 -13.12 -11.93
C ASP A 166 22.01 -11.88 -11.28
N TYR A 167 20.68 -11.69 -11.28
CA TYR A 167 20.16 -10.40 -10.76
C TYR A 167 20.39 -10.23 -9.24
N VAL A 168 20.48 -11.32 -8.46
CA VAL A 168 20.61 -11.22 -7.00
C VAL A 168 22.03 -10.62 -6.83
N GLU A 169 23.03 -11.22 -7.52
CA GLU A 169 24.39 -10.68 -7.46
C GLU A 169 24.51 -9.22 -7.98
N GLN A 170 23.82 -8.83 -9.06
CA GLN A 170 23.88 -7.51 -9.52
C GLN A 170 23.32 -6.55 -8.51
N ALA A 171 22.22 -6.96 -7.81
CA ALA A 171 21.64 -6.13 -6.74
C ALA A 171 22.70 -5.83 -5.63
N PHE A 172 23.33 -6.89 -5.14
CA PHE A 172 24.39 -6.69 -4.13
C PHE A 172 25.54 -5.86 -4.64
N LEU A 173 25.99 -6.13 -5.87
CA LEU A 173 27.10 -5.25 -6.40
C LEU A 173 26.71 -3.79 -6.45
N ALA A 174 25.45 -3.50 -6.82
CA ALA A 174 25.01 -2.11 -6.88
C ALA A 174 25.03 -1.52 -5.45
N ALA A 175 24.55 -2.30 -4.48
CA ALA A 175 24.54 -1.78 -3.09
C ALA A 175 25.94 -1.55 -2.54
N ARG A 176 26.81 -2.49 -2.86
CA ARG A 176 28.24 -2.49 -2.42
C ARG A 176 28.92 -1.23 -3.01
N GLU A 177 28.65 -0.88 -4.29
CA GLU A 177 29.26 0.31 -4.87
C GLU A 177 28.92 1.56 -4.07
N VAL A 178 27.66 1.67 -3.62
CA VAL A 178 27.28 2.86 -2.78
C VAL A 178 28.10 2.89 -1.51
N LEU A 179 28.27 1.72 -0.89
CA LEU A 179 29.07 1.74 0.38
C LEU A 179 30.56 2.02 0.08
N ASP A 180 31.06 1.58 -1.09
CA ASP A 180 32.47 1.88 -1.50
C ASP A 180 32.64 3.37 -1.66
N GLU A 181 31.61 4.09 -2.16
CA GLU A 181 31.67 5.50 -2.40
C GLU A 181 31.49 6.33 -1.14
N ASN A 182 30.96 5.71 -0.06
CA ASN A 182 30.65 6.39 1.21
C ASN A 182 31.26 5.52 2.31
N PRO A 183 32.60 5.46 2.35
CA PRO A 183 33.25 4.51 3.21
CA PRO A 183 33.22 4.49 3.25
C PRO A 183 32.96 4.71 4.73
N SER A 184 32.54 5.91 5.12
CA SER A 184 32.27 6.12 6.56
C SER A 184 30.92 5.50 6.97
N TRP A 185 30.09 5.05 5.99
CA TRP A 185 28.80 4.50 6.45
C TRP A 185 29.03 3.07 6.93
N ASN A 186 28.40 2.73 8.06
CA ASN A 186 28.55 1.33 8.59
C ASN A 186 27.15 0.69 8.39
N ILE A 187 27.04 -0.05 7.30
CA ILE A 187 25.75 -0.64 6.85
C ILE A 187 26.04 -2.07 6.44
N LYS A 188 25.36 -3.01 7.07
CA LYS A 188 25.52 -4.40 6.64
C LYS A 188 24.52 -4.71 5.53
N LEU A 189 25.00 -5.38 4.49
CA LEU A 189 24.12 -5.83 3.37
C LEU A 189 23.58 -7.24 3.59
N TYR A 190 22.26 -7.43 3.66
CA TYR A 190 21.70 -8.74 3.95
C TYR A 190 20.88 -9.30 2.77
N TYR A 191 20.93 -10.61 2.71
CA TYR A 191 19.99 -11.41 1.90
C TYR A 191 18.99 -12.04 2.92
N ASN A 192 17.68 -11.92 2.67
CA ASN A 192 16.66 -12.30 3.68
C ASN A 192 15.69 -13.29 3.05
N ASP A 193 15.30 -14.30 3.83
CA ASP A 193 14.35 -15.31 3.25
C ASP A 193 13.65 -16.05 4.33
N TYR A 194 12.62 -16.82 3.95
CA TYR A 194 11.81 -17.57 4.95
C TYR A 194 11.84 -19.07 4.58
N ASN A 195 11.27 -19.88 5.47
CA ASN A 195 11.29 -21.36 5.39
C ASN A 195 12.73 -21.80 5.30
N GLU A 196 13.61 -21.05 5.97
CA GLU A 196 15.01 -21.35 5.97
C GLU A 196 15.31 -22.58 6.85
N ASP A 197 14.33 -23.12 7.63
CA ASP A 197 14.46 -24.39 8.34
C ASP A 197 14.23 -25.62 7.40
N ASN A 198 13.70 -25.39 6.20
CA ASN A 198 13.62 -26.43 5.12
C ASN A 198 15.08 -26.59 4.67
N GLN A 199 15.57 -27.81 4.84
CA GLN A 199 16.98 -28.05 4.61
C GLN A 199 17.40 -27.90 3.15
N ASN A 200 16.56 -28.32 2.19
CA ASN A 200 16.79 -27.95 0.76
C ASN A 200 16.86 -26.49 0.44
N LYS A 201 15.95 -25.66 1.03
CA LYS A 201 15.97 -24.23 0.68
C LYS A 201 17.24 -23.68 1.32
N ALA A 202 17.60 -24.09 2.53
CA ALA A 202 18.78 -23.53 3.27
C ALA A 202 20.06 -23.86 2.43
N THR A 203 20.08 -25.08 1.84
CA THR A 203 21.24 -25.47 1.04
C THR A 203 21.32 -24.58 -0.19
N ALA A 204 20.18 -24.30 -0.86
CA ALA A 204 20.22 -23.50 -2.06
C ALA A 204 20.65 -22.06 -1.71
N ILE A 205 20.14 -21.52 -0.57
CA ILE A 205 20.54 -20.12 -0.17
C ILE A 205 22.05 -20.08 0.18
N TYR A 206 22.48 -21.09 0.96
CA TYR A 206 23.91 -21.24 1.22
C TYR A 206 24.73 -21.25 -0.09
N ASN A 207 24.33 -22.09 -1.07
CA ASN A 207 25.12 -22.18 -2.33
C ASN A 207 25.17 -20.84 -3.10
N MET A 208 24.05 -20.12 -3.10
CA MET A 208 23.98 -18.81 -3.72
C MET A 208 24.96 -17.89 -3.02
N VAL A 209 24.81 -17.75 -1.69
CA VAL A 209 25.64 -16.74 -1.01
C VAL A 209 27.15 -17.14 -1.15
N LYS A 210 27.44 -18.43 -1.01
CA LYS A 210 28.84 -18.93 -1.18
C LYS A 210 29.41 -18.60 -2.57
N ASP A 211 28.66 -18.82 -3.64
CA ASP A 211 29.20 -18.56 -4.96
C ASP A 211 29.45 -17.05 -5.10
N ILE A 212 28.47 -16.22 -4.71
CA ILE A 212 28.58 -14.81 -4.94
C ILE A 212 29.73 -14.26 -4.07
N ASN A 213 29.79 -14.69 -2.82
CA ASN A 213 30.79 -14.10 -1.91
C ASN A 213 32.20 -14.64 -2.27
N ASP A 214 32.29 -15.94 -2.64
CA ASP A 214 33.64 -16.44 -3.06
C ASP A 214 34.23 -15.65 -4.22
N ARG A 215 33.44 -15.37 -5.25
CA ARG A 215 33.94 -14.62 -6.36
C ARG A 215 34.29 -13.19 -6.02
N TYR A 216 33.45 -12.53 -5.22
CA TYR A 216 33.77 -11.17 -4.75
C TYR A 216 35.03 -11.16 -3.89
N ALA A 217 35.17 -12.09 -2.95
CA ALA A 217 36.29 -12.08 -2.01
C ALA A 217 37.61 -12.31 -2.75
N ALA A 218 37.57 -13.11 -3.80
CA ALA A 218 38.82 -13.40 -4.60
C ALA A 218 39.29 -12.15 -5.27
N ALA A 219 38.37 -11.27 -5.70
CA ALA A 219 38.67 -10.02 -6.40
C ALA A 219 38.91 -8.83 -5.49
N HIS A 220 38.63 -8.97 -4.18
CA HIS A 220 38.62 -7.85 -3.28
C HIS A 220 39.30 -8.20 -1.95
N ASN A 221 40.43 -8.89 -2.01
CA ASN A 221 41.16 -9.24 -0.73
C ASN A 221 40.37 -9.80 0.41
N GLY A 222 39.39 -10.66 0.09
CA GLY A 222 38.71 -11.42 1.15
C GLY A 222 37.45 -10.68 1.68
N LYS A 223 37.21 -9.46 1.21
CA LYS A 223 36.01 -8.70 1.63
CA LYS A 223 36.01 -8.71 1.66
C LYS A 223 34.72 -9.46 1.28
N LEU A 224 33.73 -9.36 2.18
CA LEU A 224 32.35 -9.89 1.92
C LEU A 224 31.55 -8.98 1.00
N LEU A 225 30.83 -9.60 0.06
CA LEU A 225 29.82 -8.80 -0.68
C LEU A 225 28.48 -8.80 0.11
N ILE A 226 28.02 -9.99 0.39
CA ILE A 226 26.81 -10.20 1.25
C ILE A 226 27.27 -10.34 2.65
N ASP A 227 26.98 -9.34 3.50
CA ASP A 227 27.46 -9.39 4.86
C ASP A 227 26.67 -10.28 5.80
N GLY A 228 25.35 -10.42 5.51
CA GLY A 228 24.41 -11.02 6.43
C GLY A 228 23.40 -11.91 5.71
N VAL A 229 22.95 -12.95 6.42
CA VAL A 229 21.72 -13.72 6.00
C VAL A 229 20.67 -13.53 7.09
N GLY A 230 19.49 -13.13 6.63
CA GLY A 230 18.29 -12.95 7.55
C GLY A 230 17.48 -14.23 7.49
N MET A 231 17.37 -14.91 8.64
CA MET A 231 16.45 -16.07 8.79
C MET A 231 15.15 -15.33 9.19
N GLN A 232 14.14 -15.33 8.32
CA GLN A 232 12.91 -14.56 8.71
C GLN A 232 12.26 -15.11 9.95
N GLY A 233 12.29 -16.43 10.20
CA GLY A 233 11.66 -16.94 11.42
C GLY A 233 10.10 -16.87 11.44
N HIS A 234 9.46 -16.98 10.24
CA HIS A 234 8.02 -17.11 10.21
C HIS A 234 7.69 -18.58 10.50
N TYR A 235 7.62 -18.85 11.78
CA TYR A 235 7.55 -20.24 12.31
C TYR A 235 6.12 -20.55 12.77
N ASN A 236 5.94 -21.78 13.14
CA ASN A 236 4.62 -22.28 13.51
C ASN A 236 4.77 -23.27 14.61
N ILE A 237 3.67 -23.70 15.21
CA ILE A 237 3.79 -24.48 16.46
CA ILE A 237 3.76 -24.49 16.43
C ILE A 237 4.54 -25.82 16.20
N ASN A 238 4.53 -26.28 14.95
CA ASN A 238 5.29 -27.54 14.53
C ASN A 238 6.70 -27.34 14.05
N THR A 239 7.19 -26.10 14.08
CA THR A 239 8.57 -25.89 13.63
C THR A 239 9.56 -26.65 14.49
N ASN A 240 10.55 -27.31 13.84
CA ASN A 240 11.45 -28.12 14.58
C ASN A 240 12.72 -27.32 14.86
N PRO A 241 12.98 -27.01 16.15
CA PRO A 241 14.11 -26.15 16.44
C PRO A 241 15.45 -26.82 16.06
N ASP A 242 15.42 -28.14 15.87
CA ASP A 242 16.63 -28.84 15.38
C ASP A 242 16.92 -28.50 13.96
N ASN A 243 15.93 -28.34 13.10
CA ASN A 243 16.12 -27.87 11.75
C ASN A 243 16.54 -26.38 11.70
N VAL A 244 15.96 -25.57 12.60
CA VAL A 244 16.43 -24.20 12.71
C VAL A 244 17.94 -24.21 12.99
N LYS A 245 18.35 -25.00 14.00
CA LYS A 245 19.74 -25.08 14.43
C LYS A 245 20.63 -25.50 13.23
N LEU A 246 20.20 -26.49 12.42
CA LEU A 246 21.04 -26.90 11.26
C LEU A 246 21.26 -25.75 10.29
N SER A 247 20.18 -25.02 10.00
CA SER A 247 20.22 -23.87 9.13
C SER A 247 21.07 -22.76 9.69
N LEU A 248 20.93 -22.45 10.98
CA LEU A 248 21.70 -21.35 11.58
C LEU A 248 23.22 -21.66 11.47
N GLU A 249 23.56 -22.91 11.81
CA GLU A 249 24.94 -23.45 11.63
C GLU A 249 25.44 -23.35 10.20
N LYS A 250 24.64 -23.74 9.23
CA LYS A 250 24.99 -23.65 7.83
C LYS A 250 25.32 -22.18 7.45
N PHE A 251 24.39 -21.28 7.79
CA PHE A 251 24.67 -19.90 7.45
C PHE A 251 25.89 -19.33 8.19
N ILE A 252 26.06 -19.61 9.46
CA ILE A 252 27.23 -19.15 10.19
C ILE A 252 28.53 -19.62 9.44
N SER A 253 28.46 -20.79 8.82
CA SER A 253 29.68 -21.34 8.18
C SER A 253 30.07 -20.57 6.93
N LEU A 254 29.22 -19.67 6.44
CA LEU A 254 29.59 -18.78 5.36
C LEU A 254 30.51 -17.67 5.83
N GLY A 255 30.64 -17.50 7.14
CA GLY A 255 31.36 -16.35 7.67
C GLY A 255 30.63 -15.02 7.69
N VAL A 256 29.30 -15.09 7.52
CA VAL A 256 28.37 -13.88 7.50
C VAL A 256 27.82 -13.74 8.88
N GLU A 257 27.31 -12.57 9.18
CA GLU A 257 26.50 -12.43 10.34
C GLU A 257 25.08 -12.94 10.00
N VAL A 258 24.40 -13.31 11.07
CA VAL A 258 22.98 -13.74 10.89
C VAL A 258 22.05 -12.83 11.70
N SER A 259 20.86 -12.60 11.14
CA SER A 259 19.83 -12.04 12.02
C SER A 259 18.58 -12.86 11.88
N VAL A 260 17.76 -12.88 12.93
CA VAL A 260 16.44 -13.52 12.85
C VAL A 260 15.50 -12.29 12.62
N SER A 261 14.97 -12.14 11.42
CA SER A 261 14.55 -10.79 10.98
C SER A 261 13.06 -10.56 11.14
N GLU A 262 12.23 -11.61 11.19
CA GLU A 262 10.75 -11.41 11.16
C GLU A 262 10.09 -12.49 12.00
N LEU A 263 10.57 -12.65 13.20
CA LEU A 263 10.22 -13.83 14.05
C LEU A 263 8.74 -13.75 14.48
N ASP A 264 8.01 -14.83 14.26
CA ASP A 264 6.68 -15.01 14.88
C ASP A 264 6.37 -16.51 14.87
N VAL A 265 5.37 -16.89 15.67
CA VAL A 265 5.06 -18.37 15.77
C VAL A 265 3.53 -18.46 15.76
N THR A 266 3.03 -18.87 14.62
CA THR A 266 1.58 -19.01 14.51
C THR A 266 1.13 -20.16 15.42
N ALA A 267 -0.03 -19.95 16.06
CA ALA A 267 -0.57 -20.91 17.02
C ALA A 267 -2.11 -20.70 17.02
N GLY A 268 -2.87 -21.70 16.58
CA GLY A 268 -4.32 -21.46 16.50
C GLY A 268 -4.77 -20.76 15.25
N ASN A 269 -6.08 -20.55 15.14
CA ASN A 269 -6.63 -19.82 14.01
C ASN A 269 -7.93 -19.10 14.48
N ASN A 270 -8.43 -18.22 13.63
CA ASN A 270 -9.71 -17.59 13.96
CA ASN A 270 -9.67 -17.50 13.92
C ASN A 270 -9.60 -16.76 15.23
N TYR A 271 -8.43 -16.18 15.46
CA TYR A 271 -8.22 -15.40 16.67
C TYR A 271 -8.41 -16.14 17.97
N THR A 272 -8.33 -17.48 17.96
CA THR A 272 -8.50 -18.19 19.16
C THR A 272 -7.23 -18.95 19.46
N LEU A 273 -6.71 -18.69 20.62
CA LEU A 273 -5.48 -19.35 21.09
C LEU A 273 -5.82 -20.20 22.31
N PRO A 274 -5.97 -21.54 22.11
CA PRO A 274 -6.25 -22.37 23.29
C PRO A 274 -5.18 -22.22 24.38
N GLU A 275 -5.50 -22.40 25.66
CA GLU A 275 -4.57 -22.28 26.74
C GLU A 275 -3.38 -23.23 26.57
N ASN A 276 -3.65 -24.48 26.13
CA ASN A 276 -2.49 -25.40 26.05
C ASN A 276 -1.56 -24.99 24.90
N LEU A 277 -2.09 -24.36 23.83
CA LEU A 277 -1.22 -23.92 22.72
C LEU A 277 -0.55 -22.57 23.06
N ALA A 278 -1.12 -21.81 23.98
CA ALA A 278 -0.35 -20.64 24.44
C ALA A 278 0.90 -21.12 25.18
N VAL A 279 0.73 -22.26 25.85
CA VAL A 279 1.85 -22.83 26.54
C VAL A 279 2.81 -23.48 25.56
N GLY A 280 2.30 -24.18 24.54
CA GLY A 280 3.19 -24.78 23.47
C GLY A 280 3.96 -23.66 22.76
N GLN A 281 3.26 -22.55 22.43
CA GLN A 281 3.91 -21.41 21.74
C GLN A 281 5.02 -20.84 22.65
N ALA A 282 4.78 -20.65 23.96
CA ALA A 282 5.80 -20.18 24.86
C ALA A 282 7.01 -21.12 24.89
N TYR A 283 6.69 -22.44 24.91
CA TYR A 283 7.80 -23.41 25.00
C TYR A 283 8.68 -23.35 23.75
N LEU A 284 8.10 -23.28 22.53
CA LEU A 284 8.94 -23.16 21.35
C LEU A 284 9.71 -21.82 21.35
N TYR A 285 9.05 -20.68 21.73
CA TYR A 285 9.90 -19.45 21.81
C TYR A 285 11.11 -19.63 22.73
N ALA A 286 10.90 -20.29 23.88
CA ALA A 286 11.98 -20.46 24.85
C ALA A 286 13.07 -21.36 24.17
N GLN A 287 12.69 -22.43 23.44
CA GLN A 287 13.71 -23.24 22.76
C GLN A 287 14.49 -22.45 21.72
N LEU A 288 13.76 -21.58 20.97
CA LEU A 288 14.46 -20.77 19.96
C LEU A 288 15.45 -19.80 20.66
N PHE A 289 15.04 -19.13 21.73
CA PHE A 289 15.95 -18.17 22.37
C PHE A 289 17.11 -18.88 23.06
N LYS A 290 16.89 -20.11 23.52
CA LYS A 290 18.02 -20.90 24.02
C LYS A 290 19.03 -21.09 22.88
N LEU A 291 18.59 -21.53 21.70
CA LEU A 291 19.42 -21.66 20.54
C LEU A 291 20.12 -20.35 20.16
N TYR A 292 19.38 -19.25 20.06
CA TYR A 292 19.98 -17.97 19.70
C TYR A 292 21.04 -17.53 20.71
N LYS A 293 20.77 -17.62 22.03
CA LYS A 293 21.79 -17.29 23.03
C LYS A 293 23.06 -18.12 22.79
N GLU A 294 22.88 -19.39 22.45
CA GLU A 294 24.07 -20.27 22.26
C GLU A 294 24.91 -19.81 21.08
N HIS A 295 24.29 -19.13 20.10
CA HIS A 295 25.03 -18.65 18.87
C HIS A 295 25.12 -17.14 18.82
N ALA A 296 25.01 -16.54 19.99
CA ALA A 296 24.88 -15.06 20.06
C ALA A 296 26.05 -14.31 19.44
N ASP A 297 27.26 -14.87 19.47
CA ASP A 297 28.36 -14.16 18.84
C ASP A 297 28.23 -13.99 17.33
N HIS A 298 27.41 -14.79 16.66
CA HIS A 298 27.21 -14.69 15.22
C HIS A 298 25.87 -14.08 14.87
N ILE A 299 25.04 -13.79 15.87
CA ILE A 299 23.66 -13.25 15.62
C ILE A 299 23.68 -11.80 16.01
N ALA A 300 23.41 -10.92 15.03
CA ALA A 300 23.44 -9.47 15.28
C ALA A 300 22.13 -8.95 15.87
N ARG A 301 21.00 -9.61 15.54
CA ARG A 301 19.71 -8.95 15.83
C ARG A 301 18.67 -10.07 15.77
N VAL A 302 17.68 -9.96 16.65
CA VAL A 302 16.46 -10.86 16.59
C VAL A 302 15.32 -9.86 16.69
N THR A 303 14.58 -9.83 15.57
CA THR A 303 13.44 -8.91 15.40
C THR A 303 12.16 -9.72 15.41
N PHE A 304 11.17 -9.29 16.21
CA PHE A 304 9.79 -9.89 16.21
C PHE A 304 8.98 -9.17 15.17
N TRP A 305 8.18 -9.88 14.37
CA TRP A 305 7.48 -9.21 13.31
C TRP A 305 6.14 -8.71 13.87
N GLY A 306 6.24 -7.67 14.68
CA GLY A 306 5.04 -7.02 15.27
C GLY A 306 5.06 -7.05 16.79
N MET A 307 4.18 -6.24 17.35
N MET A 307 4.25 -6.16 17.36
CA MET A 307 4.17 -5.96 18.77
CA MET A 307 4.28 -5.95 18.80
C MET A 307 3.19 -6.96 19.44
C MET A 307 3.12 -6.59 19.54
N ASP A 308 2.03 -7.00 18.88
CA ASP A 308 0.94 -7.67 19.60
C ASP A 308 0.08 -8.44 18.61
N ASP A 309 -0.65 -9.42 19.12
CA ASP A 309 -1.38 -10.34 18.19
C ASP A 309 -2.41 -9.67 17.32
N ASN A 310 -3.08 -8.63 17.80
CA ASN A 310 -4.18 -8.07 16.96
C ASN A 310 -3.68 -7.26 15.81
N THR A 311 -2.37 -6.87 15.83
CA THR A 311 -1.83 -6.05 14.74
C THR A 311 -0.76 -6.75 13.92
N SER A 312 -0.67 -8.07 14.14
CA SER A 312 0.23 -8.93 13.33
C SER A 312 -0.30 -8.99 11.92
N TRP A 313 0.61 -9.19 10.96
CA TRP A 313 0.19 -9.49 9.61
C TRP A 313 -0.56 -10.88 9.60
N ARG A 314 -0.38 -11.71 10.62
CA ARG A 314 -1.07 -13.00 10.78
C ARG A 314 -1.87 -13.05 12.08
N ALA A 315 -2.56 -11.92 12.30
CA ALA A 315 -3.32 -11.74 13.56
C ALA A 315 -4.26 -12.90 13.92
N GLU A 316 -4.85 -13.50 12.89
CA GLU A 316 -5.81 -14.62 13.09
CA GLU A 316 -5.82 -14.57 13.19
C GLU A 316 -5.10 -15.76 13.79
N ASN A 317 -3.76 -15.85 13.62
CA ASN A 317 -3.00 -16.97 14.18
C ASN A 317 -2.14 -16.59 15.44
N ASN A 318 -2.55 -15.50 16.16
CA ASN A 318 -2.08 -15.21 17.53
C ASN A 318 -0.54 -15.38 17.72
N PRO A 319 0.31 -14.70 16.95
CA PRO A 319 1.68 -15.17 16.78
C PRO A 319 2.74 -14.63 17.68
N LEU A 320 2.36 -13.62 18.50
CA LEU A 320 3.37 -12.75 19.09
C LEU A 320 3.45 -12.81 20.62
N LEU A 321 4.14 -11.84 21.26
CA LEU A 321 4.43 -11.98 22.69
C LEU A 321 3.35 -11.29 23.55
N PHE A 322 2.60 -10.35 22.95
CA PHE A 322 1.60 -9.55 23.68
C PHE A 322 0.21 -9.72 23.02
N ASP A 323 -0.86 -9.69 23.82
CA ASP A 323 -2.25 -9.80 23.27
C ASP A 323 -2.76 -8.45 22.77
N LYS A 324 -4.01 -8.45 22.30
CA LYS A 324 -4.61 -7.28 21.68
CA LYS A 324 -4.60 -7.28 21.67
C LYS A 324 -4.67 -6.11 22.62
N ASN A 325 -4.66 -6.38 23.92
CA ASN A 325 -4.70 -5.27 24.93
C ASN A 325 -3.30 -4.92 25.44
N LEU A 326 -2.27 -5.36 24.72
CA LEU A 326 -0.89 -5.07 25.06
C LEU A 326 -0.51 -5.71 26.40
N GLN A 327 -1.12 -6.87 26.72
CA GLN A 327 -0.80 -7.56 27.94
C GLN A 327 0.11 -8.77 27.55
N ALA A 328 1.18 -9.04 28.34
CA ALA A 328 2.13 -10.10 28.04
C ALA A 328 1.39 -11.44 28.06
N LYS A 329 1.68 -12.22 27.03
CA LYS A 329 1.19 -13.61 26.93
C LYS A 329 2.23 -14.54 27.57
N PRO A 330 1.88 -15.87 27.71
CA PRO A 330 2.91 -16.85 28.14
C PRO A 330 4.19 -16.81 27.23
N ALA A 331 3.99 -16.55 25.92
CA ALA A 331 5.13 -16.42 25.01
C ALA A 331 6.18 -15.46 25.55
N TYR A 332 5.73 -14.27 26.07
CA TYR A 332 6.69 -13.29 26.54
C TYR A 332 7.59 -13.86 27.64
N TYR A 333 6.96 -14.60 28.57
CA TYR A 333 7.73 -15.20 29.69
C TYR A 333 8.66 -16.30 29.16
N GLY A 334 8.26 -16.96 28.09
CA GLY A 334 9.15 -17.93 27.43
C GLY A 334 10.41 -17.31 26.85
N VAL A 335 10.27 -16.09 26.33
CA VAL A 335 11.45 -15.41 25.77
C VAL A 335 12.33 -14.90 26.92
N ILE A 336 11.75 -14.35 28.00
CA ILE A 336 12.63 -13.65 28.99
C ILE A 336 13.29 -14.66 29.91
N ASP A 337 12.70 -15.84 29.91
CA ASP A 337 13.33 -17.17 29.76
C ASP A 337 13.06 -18.12 30.85
N MET B 4 0.07 33.71 -13.12
CA MET B 4 -0.72 32.43 -13.27
C MET B 4 -2.07 32.57 -12.57
N ALA B 5 -3.20 32.47 -13.33
CA ALA B 5 -4.55 32.53 -12.70
C ALA B 5 -4.78 31.19 -11.92
N PRO B 6 -5.12 31.29 -10.64
CA PRO B 6 -5.36 30.03 -9.87
C PRO B 6 -6.64 29.35 -10.40
N LEU B 7 -6.55 28.05 -10.62
CA LEU B 7 -7.75 27.33 -11.00
C LEU B 7 -8.99 27.61 -10.14
N LYS B 8 -8.79 27.61 -8.82
CA LYS B 8 -9.88 27.77 -7.87
C LYS B 8 -10.47 29.14 -7.94
N ASP B 9 -9.69 30.14 -8.37
CA ASP B 9 -10.25 31.52 -8.60
C ASP B 9 -11.07 31.57 -9.87
N VAL B 10 -10.56 30.92 -10.92
CA VAL B 10 -11.27 30.96 -12.23
C VAL B 10 -12.65 30.31 -12.08
N TYR B 11 -12.71 29.27 -11.27
CA TYR B 11 -13.92 28.49 -11.14
C TYR B 11 -14.63 28.67 -9.79
N LYS B 12 -14.28 29.75 -9.08
CA LYS B 12 -14.84 29.93 -7.68
C LYS B 12 -16.35 29.94 -7.61
N ASN B 13 -17.00 30.52 -8.59
CA ASN B 13 -18.49 30.44 -8.62
C ASN B 13 -19.14 29.23 -9.22
N ASP B 14 -18.35 28.22 -9.62
CA ASP B 14 -18.88 27.15 -10.45
C ASP B 14 -18.80 25.75 -9.72
N PHE B 15 -17.64 25.49 -9.14
CA PHE B 15 -17.41 24.20 -8.43
C PHE B 15 -16.09 24.29 -7.73
N LEU B 16 -15.97 23.50 -6.63
CA LEU B 16 -14.68 23.39 -6.05
C LEU B 16 -13.71 22.75 -7.03
N ILE B 17 -12.45 23.19 -6.95
CA ILE B 17 -11.40 22.56 -7.80
C ILE B 17 -10.54 21.73 -6.85
N GLY B 18 -10.41 20.45 -7.21
CA GLY B 18 -9.77 19.49 -6.33
C GLY B 18 -8.52 18.84 -6.89
N ASN B 19 -7.70 18.25 -6.00
CA ASN B 19 -6.63 17.37 -6.46
C ASN B 19 -6.59 16.15 -5.54
N ALA B 20 -5.66 15.23 -5.83
CA ALA B 20 -5.60 13.95 -5.19
C ALA B 20 -4.18 13.83 -4.70
N ILE B 21 -4.02 13.54 -3.43
CA ILE B 21 -2.71 13.76 -2.81
C ILE B 21 -2.14 12.54 -2.11
N SER B 22 -0.80 12.56 -2.00
CA SER B 22 -0.07 11.71 -1.05
C SER B 22 0.68 12.62 -0.05
N ALA B 23 1.41 11.99 0.89
CA ALA B 23 2.22 12.73 1.84
C ALA B 23 3.23 13.65 1.21
N GLU B 24 3.69 13.34 -0.02
CA GLU B 24 4.64 14.21 -0.71
CA GLU B 24 4.65 14.23 -0.69
C GLU B 24 4.08 15.58 -1.10
N ASP B 25 2.76 15.68 -1.20
CA ASP B 25 2.20 16.86 -1.79
C ASP B 25 1.97 17.91 -0.74
N LEU B 26 2.32 17.60 0.53
CA LEU B 26 1.97 18.55 1.62
C LEU B 26 3.22 19.25 2.14
N GLU B 27 4.28 19.32 1.32
N GLU B 27 4.34 19.23 1.39
CA GLU B 27 5.46 20.07 1.74
CA GLU B 27 5.51 20.05 1.81
C GLU B 27 6.02 20.91 0.60
C GLU B 27 6.16 20.78 0.66
N GLY B 28 6.75 21.94 0.96
CA GLY B 28 7.60 22.68 -0.01
C GLY B 28 6.91 23.12 -1.25
N THR B 29 7.59 22.97 -2.40
CA THR B 29 6.98 23.69 -3.59
C THR B 29 5.72 22.93 -4.08
N ARG B 30 5.66 21.62 -3.79
CA ARG B 30 4.41 20.89 -4.08
C ARG B 30 3.21 21.46 -3.33
N LEU B 31 3.42 21.68 -2.02
CA LEU B 31 2.33 22.31 -1.24
C LEU B 31 1.95 23.67 -1.80
N GLU B 32 2.98 24.49 -2.16
CA GLU B 32 2.66 25.82 -2.73
C GLU B 32 1.73 25.65 -3.96
N LEU B 33 2.05 24.71 -4.85
CA LEU B 33 1.20 24.56 -6.09
C LEU B 33 -0.22 24.04 -5.73
N LEU B 34 -0.26 23.09 -4.80
CA LEU B 34 -1.53 22.52 -4.35
C LEU B 34 -2.47 23.58 -3.78
N LYS B 35 -1.93 24.35 -2.83
CA LYS B 35 -2.73 25.45 -2.25
C LYS B 35 -3.04 26.57 -3.27
N MET B 36 -2.08 26.86 -4.17
CA MET B 36 -2.40 27.93 -5.17
C MET B 36 -3.69 27.64 -5.91
N HIS B 37 -3.82 26.42 -6.37
CA HIS B 37 -4.87 26.12 -7.35
C HIS B 37 -6.11 25.43 -6.87
N HIS B 38 -6.10 24.83 -5.67
CA HIS B 38 -7.18 23.93 -5.34
C HIS B 38 -7.87 24.25 -4.01
N ASP B 39 -9.17 24.02 -3.99
CA ASP B 39 -10.00 24.22 -2.79
C ASP B 39 -10.07 22.96 -1.92
N VAL B 40 -9.98 21.77 -2.55
CA VAL B 40 -10.32 20.53 -1.88
C VAL B 40 -9.32 19.46 -2.34
N VAL B 41 -9.11 18.47 -1.49
CA VAL B 41 -8.23 17.35 -1.85
C VAL B 41 -8.93 16.06 -1.55
N THR B 42 -8.52 14.99 -2.28
CA THR B 42 -8.92 13.62 -2.03
C THR B 42 -7.61 12.86 -1.69
N ALA B 43 -7.65 11.94 -0.69
CA ALA B 43 -6.41 11.15 -0.46
C ALA B 43 -6.32 10.14 -1.57
N GLY B 44 -5.17 10.11 -2.25
CA GLY B 44 -5.07 9.08 -3.34
C GLY B 44 -5.11 7.70 -2.86
N ASN B 45 -4.58 7.46 -1.64
CA ASN B 45 -4.56 6.10 -1.12
C ASN B 45 -4.80 5.99 0.42
N ALA B 46 -4.64 7.13 1.12
CA ALA B 46 -4.52 6.97 2.59
C ALA B 46 -5.84 6.64 3.29
N MET B 47 -6.98 6.70 2.59
CA MET B 47 -8.29 6.44 3.30
C MET B 47 -9.00 5.27 2.66
N LYS B 48 -8.27 4.46 1.87
CA LYS B 48 -8.85 3.21 1.34
C LYS B 48 -8.92 2.11 2.40
N PRO B 49 -9.71 1.06 2.16
CA PRO B 49 -9.95 0.10 3.22
C PRO B 49 -8.67 -0.58 3.68
N ASP B 50 -7.71 -0.83 2.77
CA ASP B 50 -6.48 -1.54 3.19
C ASP B 50 -5.61 -0.60 4.07
N ALA B 51 -5.80 0.69 3.95
CA ALA B 51 -5.05 1.67 4.67
C ALA B 51 -5.66 1.90 6.06
N LEU B 52 -6.97 1.60 6.21
CA LEU B 52 -7.66 1.99 7.44
C LEU B 52 -8.05 0.78 8.30
N GLN B 53 -8.20 -0.47 7.73
CA GLN B 53 -8.52 -1.61 8.61
C GLN B 53 -7.88 -2.83 8.01
N PRO B 54 -6.53 -2.92 8.10
CA PRO B 54 -5.82 -3.98 7.34
C PRO B 54 -6.15 -5.38 7.80
N THR B 55 -6.41 -5.52 9.11
CA THR B 55 -6.89 -6.81 9.63
C THR B 55 -8.05 -6.51 10.59
N LYS B 56 -8.83 -7.52 10.86
CA LYS B 56 -10.11 -7.36 11.53
C LYS B 56 -9.96 -6.68 12.88
N GLY B 57 -10.63 -5.53 13.05
CA GLY B 57 -10.66 -4.81 14.30
C GLY B 57 -9.37 -4.01 14.57
N ASN B 58 -8.45 -3.97 13.58
CA ASN B 58 -7.22 -3.23 13.74
C ASN B 58 -7.41 -2.00 12.86
N PHE B 59 -7.99 -0.93 13.41
CA PHE B 59 -8.18 0.31 12.61
C PHE B 59 -6.90 1.14 12.76
N THR B 60 -6.45 1.65 11.63
CA THR B 60 -5.20 2.35 11.60
C THR B 60 -5.45 3.76 11.01
N PHE B 61 -5.62 4.72 11.88
CA PHE B 61 -5.89 6.07 11.48
C PHE B 61 -4.77 7.06 11.56
N THR B 62 -3.63 6.69 12.17
CA THR B 62 -2.63 7.73 12.42
C THR B 62 -2.16 8.57 11.20
N ALA B 63 -1.82 7.86 10.10
CA ALA B 63 -1.28 8.52 8.95
C ALA B 63 -2.39 9.39 8.26
N ALA B 64 -3.61 8.88 8.21
CA ALA B 64 -4.73 9.59 7.54
C ALA B 64 -5.04 10.82 8.38
N ASP B 65 -4.98 10.67 9.72
CA ASP B 65 -5.29 11.87 10.56
C ASP B 65 -4.24 12.96 10.35
N ALA B 66 -2.97 12.57 10.22
CA ALA B 66 -1.90 13.58 9.99
C ALA B 66 -2.16 14.33 8.64
N MET B 67 -2.57 13.55 7.62
CA MET B 67 -2.84 14.12 6.28
C MET B 67 -4.03 15.08 6.37
N ILE B 68 -5.18 14.61 6.91
CA ILE B 68 -6.35 15.52 6.93
C ILE B 68 -6.11 16.74 7.82
N ASP B 69 -5.33 16.57 8.90
CA ASP B 69 -5.11 17.76 9.76
C ASP B 69 -4.24 18.74 9.06
N LYS B 70 -3.25 18.29 8.26
CA LYS B 70 -2.45 19.23 7.47
C LYS B 70 -3.31 19.95 6.40
N VAL B 71 -4.14 19.18 5.72
CA VAL B 71 -5.08 19.75 4.74
C VAL B 71 -5.92 20.89 5.32
N LEU B 72 -6.53 20.62 6.47
CA LEU B 72 -7.44 21.61 7.09
C LEU B 72 -6.59 22.81 7.58
N ALA B 73 -5.40 22.51 8.10
CA ALA B 73 -4.50 23.62 8.65
C ALA B 73 -4.07 24.52 7.49
N GLU B 74 -3.97 23.95 6.28
CA GLU B 74 -3.57 24.72 5.12
C GLU B 74 -4.72 25.30 4.33
N GLY B 75 -5.88 25.35 4.94
CA GLY B 75 -7.03 25.98 4.42
C GLY B 75 -7.83 25.32 3.32
N MET B 76 -7.62 24.02 3.16
CA MET B 76 -8.40 23.27 2.11
C MET B 76 -9.38 22.29 2.75
N LYS B 77 -10.32 21.78 1.94
CA LYS B 77 -11.32 20.80 2.35
C LYS B 77 -10.87 19.41 1.95
N MET B 78 -11.53 18.40 2.53
CA MET B 78 -11.20 16.99 2.26
CA MET B 78 -11.20 16.99 2.17
C MET B 78 -12.44 16.23 1.77
N HIS B 79 -12.33 15.53 0.60
CA HIS B 79 -13.34 14.59 0.16
C HIS B 79 -12.84 13.20 0.60
N GLY B 80 -13.65 12.41 1.26
CA GLY B 80 -13.27 11.09 1.72
C GLY B 80 -13.35 10.02 0.64
N HIS B 81 -12.29 9.22 0.52
CA HIS B 81 -12.25 8.23 -0.60
C HIS B 81 -11.45 7.06 0.04
N VAL B 82 -11.98 5.89 0.21
CA VAL B 82 -13.32 5.38 -0.27
C VAL B 82 -13.68 4.21 0.67
N LEU B 83 -14.97 4.08 0.99
CA LEU B 83 -15.37 3.12 2.03
C LEU B 83 -15.44 1.70 1.56
N VAL B 84 -15.80 1.45 0.27
CA VAL B 84 -16.12 0.09 -0.20
C VAL B 84 -15.59 0.02 -1.65
N TRP B 85 -14.72 -0.96 -1.88
CA TRP B 85 -14.16 -1.13 -3.26
C TRP B 85 -13.63 -2.54 -3.34
N HIS B 86 -13.42 -3.03 -4.56
CA HIS B 86 -12.92 -4.40 -4.74
C HIS B 86 -11.40 -4.40 -4.99
N GLN B 87 -10.78 -3.22 -5.00
CA GLN B 87 -9.29 -3.16 -5.00
C GLN B 87 -8.85 -2.46 -3.69
N GLN B 88 -7.57 -2.61 -3.36
CA GLN B 88 -7.00 -2.01 -2.17
C GLN B 88 -7.93 -2.21 -0.97
N SER B 89 -8.37 -3.44 -0.82
CA SER B 89 -9.35 -3.83 0.22
C SER B 89 -8.94 -5.21 0.74
N PRO B 90 -8.76 -5.34 2.06
CA PRO B 90 -8.21 -6.59 2.59
C PRO B 90 -9.19 -7.79 2.55
N ALA B 91 -8.63 -8.94 2.23
CA ALA B 91 -9.48 -10.12 1.95
C ALA B 91 -10.40 -10.50 3.11
N TRP B 92 -9.94 -10.30 4.35
CA TRP B 92 -10.72 -10.70 5.55
C TRP B 92 -12.10 -10.11 5.54
N LEU B 93 -12.30 -9.02 4.82
CA LEU B 93 -13.61 -8.39 4.92
C LEU B 93 -14.75 -9.25 4.42
N ASN B 94 -14.45 -10.06 3.39
CA ASN B 94 -15.55 -10.68 2.59
C ASN B 94 -15.21 -12.10 2.14
N THR B 95 -14.08 -12.60 2.59
CA THR B 95 -13.69 -13.98 2.23
C THR B 95 -13.04 -14.74 3.37
N LYS B 96 -12.95 -16.05 3.20
CA LYS B 96 -12.21 -16.91 4.17
C LYS B 96 -11.55 -18.06 3.39
N LYS B 97 -10.73 -18.86 4.07
CA LYS B 97 -10.17 -20.07 3.41
C LYS B 97 -11.04 -21.23 3.92
N ASP B 98 -11.56 -22.06 2.99
CA ASP B 98 -12.35 -23.25 3.36
C ASP B 98 -11.40 -24.35 3.78
N ASP B 99 -11.97 -25.55 4.06
CA ASP B 99 -11.15 -26.73 4.48
C ASP B 99 -10.11 -27.19 3.43
N ASN B 100 -10.35 -26.93 2.15
CA ASN B 100 -9.33 -27.18 1.10
C ASN B 100 -8.31 -26.08 0.84
N ASN B 101 -8.21 -25.10 1.76
CA ASN B 101 -7.32 -23.94 1.62
C ASN B 101 -7.55 -23.03 0.36
N ASN B 102 -8.78 -23.01 -0.17
CA ASN B 102 -9.20 -22.14 -1.27
C ASN B 102 -9.99 -20.93 -0.72
N THR B 103 -9.76 -19.76 -1.32
CA THR B 103 -10.54 -18.57 -0.97
C THR B 103 -12.00 -18.77 -1.39
N VAL B 104 -12.94 -18.64 -0.43
CA VAL B 104 -14.39 -18.69 -0.67
C VAL B 104 -15.05 -17.46 -0.08
N PRO B 105 -16.22 -17.09 -0.59
CA PRO B 105 -16.91 -15.97 0.11
C PRO B 105 -17.26 -16.24 1.59
N LEU B 106 -17.30 -15.20 2.45
CA LEU B 106 -18.00 -15.29 3.74
C LEU B 106 -19.52 -15.37 3.46
N GLY B 107 -20.28 -15.80 4.48
CA GLY B 107 -21.75 -15.74 4.47
C GLY B 107 -22.23 -14.28 4.47
N ARG B 108 -23.46 -14.07 4.06
CA ARG B 108 -24.06 -12.78 4.01
C ARG B 108 -24.00 -12.09 5.35
N ASP B 109 -24.39 -12.80 6.42
CA ASP B 109 -24.56 -12.10 7.73
C ASP B 109 -23.20 -11.61 8.29
N GLU B 110 -22.18 -12.47 8.18
CA GLU B 110 -20.83 -12.04 8.61
C GLU B 110 -20.25 -10.90 7.73
N ALA B 111 -20.45 -11.00 6.41
CA ALA B 111 -19.87 -10.01 5.48
C ALA B 111 -20.62 -8.68 5.71
N LEU B 112 -21.94 -8.72 5.93
CA LEU B 112 -22.73 -7.49 6.14
CA LEU B 112 -22.71 -7.49 6.15
C LEU B 112 -22.24 -6.78 7.41
N ASP B 113 -21.93 -7.56 8.44
CA ASP B 113 -21.44 -7.06 9.69
C ASP B 113 -20.05 -6.35 9.45
N ASN B 114 -19.18 -6.99 8.71
CA ASN B 114 -17.87 -6.37 8.38
C ASN B 114 -18.04 -5.10 7.55
N LEU B 115 -18.95 -5.11 6.55
CA LEU B 115 -19.16 -3.96 5.69
C LEU B 115 -19.69 -2.82 6.56
N ARG B 116 -20.75 -3.11 7.37
CA ARG B 116 -21.31 -2.03 8.19
C ARG B 116 -20.28 -1.46 9.20
N THR B 117 -19.56 -2.36 9.85
CA THR B 117 -18.63 -1.93 10.94
C THR B 117 -17.51 -1.07 10.28
N HIS B 118 -17.09 -1.42 9.06
CA HIS B 118 -16.01 -0.65 8.46
C HIS B 118 -16.53 0.77 8.13
N ILE B 119 -17.70 0.81 7.46
CA ILE B 119 -18.25 2.10 7.08
C ILE B 119 -18.52 2.94 8.29
N GLN B 120 -19.14 2.34 9.32
CA GLN B 120 -19.53 3.23 10.39
CA GLN B 120 -19.51 3.10 10.55
C GLN B 120 -18.32 3.64 11.28
N THR B 121 -17.35 2.74 11.49
CA THR B 121 -16.18 3.14 12.33
C THR B 121 -15.38 4.24 11.62
N VAL B 122 -15.14 4.05 10.32
CA VAL B 122 -14.37 5.03 9.61
C VAL B 122 -15.12 6.35 9.57
N MET B 123 -16.44 6.32 9.22
CA MET B 123 -17.13 7.64 9.12
C MET B 123 -17.17 8.34 10.51
N LYS B 124 -17.36 7.56 11.59
CA LYS B 124 -17.48 8.22 12.87
C LYS B 124 -16.12 8.74 13.34
N HIS B 125 -15.02 8.11 12.90
CA HIS B 125 -13.68 8.56 13.28
C HIS B 125 -13.41 9.95 12.70
N PHE B 126 -13.63 10.14 11.38
CA PHE B 126 -13.30 11.41 10.73
C PHE B 126 -14.38 12.42 10.98
N GLY B 127 -15.62 11.97 11.23
CA GLY B 127 -16.76 12.95 11.44
C GLY B 127 -16.80 13.99 10.35
N ASN B 128 -17.05 15.27 10.67
CA ASN B 128 -17.23 16.27 9.61
C ASN B 128 -15.95 16.99 9.22
N LYS B 129 -14.79 16.35 9.43
CA LYS B 129 -13.51 16.78 8.87
CA LYS B 129 -13.53 16.85 8.85
C LYS B 129 -13.52 16.61 7.34
N VAL B 130 -14.45 15.78 6.81
CA VAL B 130 -14.66 15.70 5.35
C VAL B 130 -15.96 16.33 4.94
N ILE B 131 -16.09 16.65 3.66
CA ILE B 131 -17.31 17.23 3.12
C ILE B 131 -18.19 16.22 2.41
N SER B 132 -17.64 15.03 2.20
CA SER B 132 -18.31 14.01 1.39
C SER B 132 -17.52 12.73 1.51
N TRP B 133 -18.20 11.62 1.22
CA TRP B 133 -17.58 10.29 1.10
C TRP B 133 -17.94 9.63 -0.20
N ASP B 134 -16.93 9.00 -0.87
CA ASP B 134 -17.28 7.92 -1.87
C ASP B 134 -17.59 6.72 -1.05
N VAL B 135 -18.87 6.33 -1.00
CA VAL B 135 -19.23 5.22 -0.19
C VAL B 135 -18.93 3.94 -0.93
N VAL B 136 -19.33 3.84 -2.19
CA VAL B 136 -19.07 2.61 -2.98
C VAL B 136 -18.45 3.07 -4.29
N ASN B 137 -17.39 2.36 -4.71
CA ASN B 137 -16.55 2.71 -5.88
C ASN B 137 -16.67 1.57 -6.90
N GLU B 138 -16.97 1.91 -8.19
CA GLU B 138 -16.70 0.87 -9.24
C GLU B 138 -17.44 -0.43 -9.07
N ALA B 139 -18.74 -0.30 -8.82
CA ALA B 139 -19.57 -1.46 -8.66
C ALA B 139 -20.12 -2.06 -9.97
N MET B 140 -20.09 -1.30 -11.06
CA MET B 140 -20.76 -1.80 -12.27
C MET B 140 -19.79 -2.40 -13.27
N ASN B 141 -20.20 -3.47 -13.95
CA ASN B 141 -19.37 -3.97 -15.07
C ASN B 141 -19.20 -2.95 -16.16
N ASP B 142 -18.06 -2.99 -16.86
CA ASP B 142 -17.96 -2.18 -18.10
C ASP B 142 -18.87 -2.74 -19.24
N ASN B 143 -19.24 -1.82 -20.09
CA ASN B 143 -20.09 -2.05 -21.30
C ASN B 143 -21.12 -3.18 -21.04
N PRO B 144 -22.00 -2.98 -20.01
CA PRO B 144 -22.85 -4.14 -19.69
C PRO B 144 -23.88 -4.38 -20.84
N SER B 145 -24.14 -5.68 -21.03
CA SER B 145 -25.01 -6.15 -22.12
C SER B 145 -26.47 -5.97 -21.80
N ASN B 146 -26.95 -6.05 -20.55
N ASN B 146 -26.83 -6.01 -20.50
CA ASN B 146 -28.34 -5.54 -20.32
CA ASN B 146 -28.22 -5.72 -20.05
C ASN B 146 -28.39 -4.49 -19.22
C ASN B 146 -28.36 -4.48 -19.11
N PRO B 147 -28.10 -3.24 -19.58
CA PRO B 147 -28.07 -2.10 -18.60
C PRO B 147 -29.45 -1.76 -18.02
N ALA B 148 -30.54 -2.21 -18.67
CA ALA B 148 -31.85 -2.03 -18.09
C ALA B 148 -31.91 -2.75 -16.71
N ASP B 149 -31.07 -3.82 -16.54
CA ASP B 149 -31.08 -4.60 -15.32
C ASP B 149 -29.77 -4.29 -14.49
N TYR B 150 -29.83 -3.31 -13.57
CA TYR B 150 -28.57 -2.97 -12.91
C TYR B 150 -28.04 -4.11 -12.08
N LYS B 151 -28.91 -4.89 -11.48
CA LYS B 151 -28.40 -5.94 -10.57
C LYS B 151 -27.61 -6.99 -11.37
N ALA B 152 -28.11 -7.31 -12.56
CA ALA B 152 -27.41 -8.30 -13.40
C ALA B 152 -26.16 -7.65 -14.03
N SER B 153 -26.07 -6.31 -14.07
CA SER B 153 -24.92 -5.59 -14.63
C SER B 153 -23.82 -5.33 -13.55
N LEU B 154 -24.11 -5.61 -12.26
CA LEU B 154 -23.06 -5.38 -11.21
C LEU B 154 -21.86 -6.28 -11.45
N ARG B 155 -20.64 -5.75 -11.24
CA ARG B 155 -19.43 -6.51 -11.16
CA ARG B 155 -19.44 -6.57 -11.19
C ARG B 155 -19.55 -7.52 -10.03
N GLN B 156 -19.24 -8.83 -10.31
CA GLN B 156 -19.39 -9.87 -9.29
C GLN B 156 -18.13 -9.92 -8.40
N THR B 157 -17.99 -8.84 -7.65
CA THR B 157 -16.79 -8.58 -6.80
C THR B 157 -16.93 -9.42 -5.55
N PRO B 158 -15.90 -9.45 -4.72
CA PRO B 158 -16.05 -10.24 -3.51
C PRO B 158 -17.20 -9.74 -2.54
N TRP B 159 -17.52 -8.45 -2.51
CA TRP B 159 -18.68 -8.05 -1.71
C TRP B 159 -19.99 -8.56 -2.38
N TYR B 160 -20.08 -8.50 -3.71
CA TYR B 160 -21.30 -9.02 -4.39
C TYR B 160 -21.39 -10.56 -4.09
N GLN B 161 -20.29 -11.25 -4.17
CA GLN B 161 -20.33 -12.72 -3.84
C GLN B 161 -20.73 -13.15 -2.43
N ALA B 162 -20.41 -12.34 -1.39
CA ALA B 162 -20.66 -12.67 -0.03
C ALA B 162 -22.05 -12.18 0.33
N ILE B 163 -22.42 -10.97 -0.13
CA ILE B 163 -23.68 -10.35 0.37
C ILE B 163 -24.85 -10.45 -0.63
N GLY B 164 -24.55 -10.29 -1.92
CA GLY B 164 -25.52 -10.29 -3.06
C GLY B 164 -25.69 -8.93 -3.66
N SER B 165 -26.60 -8.80 -4.60
CA SER B 165 -26.75 -7.58 -5.35
C SER B 165 -27.22 -6.37 -4.56
N ASP B 166 -27.78 -6.59 -3.37
CA ASP B 166 -28.13 -5.41 -2.55
C ASP B 166 -27.00 -4.83 -1.74
N TYR B 167 -25.80 -5.32 -1.97
CA TYR B 167 -24.71 -4.78 -1.09
C TYR B 167 -24.41 -3.30 -1.29
N VAL B 168 -24.61 -2.78 -2.51
CA VAL B 168 -24.35 -1.33 -2.75
C VAL B 168 -25.38 -0.54 -1.86
N GLU B 169 -26.67 -0.93 -1.97
CA GLU B 169 -27.69 -0.27 -1.15
C GLU B 169 -27.39 -0.39 0.35
N GLN B 170 -26.98 -1.57 0.76
CA GLN B 170 -26.70 -1.82 2.21
C GLN B 170 -25.57 -0.90 2.65
N ALA B 171 -24.54 -0.71 1.77
CA ALA B 171 -23.45 0.21 2.15
C ALA B 171 -23.98 1.64 2.34
N PHE B 172 -24.78 2.16 1.39
CA PHE B 172 -25.34 3.50 1.55
C PHE B 172 -26.24 3.59 2.76
N LEU B 173 -27.06 2.53 2.98
CA LEU B 173 -27.92 2.56 4.23
C LEU B 173 -27.06 2.69 5.49
N ALA B 174 -25.96 1.96 5.57
CA ALA B 174 -25.06 2.03 6.77
C ALA B 174 -24.48 3.43 6.90
N ALA B 175 -24.04 4.05 5.77
CA ALA B 175 -23.44 5.38 5.85
C ALA B 175 -24.54 6.41 6.25
N ARG B 176 -25.73 6.30 5.67
CA ARG B 176 -26.80 7.25 5.96
C ARG B 176 -27.22 7.19 7.44
N GLU B 177 -27.22 6.01 8.04
CA GLU B 177 -27.48 5.87 9.53
C GLU B 177 -26.51 6.71 10.32
N VAL B 178 -25.20 6.69 9.97
CA VAL B 178 -24.26 7.51 10.65
C VAL B 178 -24.65 8.94 10.53
N LEU B 179 -25.04 9.40 9.35
CA LEU B 179 -25.41 10.80 9.16
C LEU B 179 -26.69 11.15 9.92
N ASP B 180 -27.63 10.22 9.95
CA ASP B 180 -28.87 10.49 10.72
C ASP B 180 -28.53 10.69 12.17
N GLU B 181 -27.59 9.87 12.71
CA GLU B 181 -27.18 9.97 14.12
C GLU B 181 -26.32 11.20 14.44
N ASN B 182 -25.81 11.86 13.40
CA ASN B 182 -24.88 13.01 13.56
C ASN B 182 -25.36 14.06 12.61
N PRO B 183 -26.58 14.61 12.81
N PRO B 183 -26.49 14.70 12.95
CA PRO B 183 -27.11 15.57 11.83
CA PRO B 183 -27.16 15.66 12.07
C PRO B 183 -26.39 16.92 11.71
C PRO B 183 -26.38 16.89 11.73
N SER B 184 -25.40 17.24 12.56
CA SER B 184 -24.63 18.44 12.33
C SER B 184 -23.62 18.30 11.18
N TRP B 185 -23.36 17.05 10.82
CA TRP B 185 -22.33 16.83 9.78
C TRP B 185 -22.87 17.06 8.36
N ASN B 186 -22.28 17.99 7.63
CA ASN B 186 -22.69 18.28 6.25
C ASN B 186 -21.77 17.42 5.35
N ILE B 187 -22.26 16.22 5.04
CA ILE B 187 -21.46 15.21 4.30
C ILE B 187 -22.33 14.64 3.21
N LYS B 188 -21.88 14.79 1.97
CA LYS B 188 -22.62 14.19 0.81
C LYS B 188 -22.12 12.77 0.56
N LEU B 189 -23.05 11.83 0.36
CA LEU B 189 -22.70 10.44 0.10
C LEU B 189 -22.67 10.17 -1.41
N TYR B 190 -21.54 9.68 -1.93
CA TYR B 190 -21.40 9.54 -3.37
C TYR B 190 -21.25 8.07 -3.79
N TYR B 191 -21.74 7.81 -5.02
CA TYR B 191 -21.38 6.61 -5.71
C TYR B 191 -20.38 7.04 -6.79
N ASN B 192 -19.28 6.32 -6.97
CA ASN B 192 -18.20 6.80 -7.88
C ASN B 192 -17.82 5.67 -8.87
N ASP B 193 -17.59 6.03 -10.14
CA ASP B 193 -17.31 4.95 -11.12
C ASP B 193 -16.62 5.62 -12.35
N TYR B 194 -16.01 4.78 -13.18
CA TYR B 194 -15.30 5.27 -14.38
C TYR B 194 -15.99 4.68 -15.64
N ASN B 195 -15.48 5.13 -16.80
CA ASN B 195 -16.00 4.76 -18.13
C ASN B 195 -17.48 5.15 -18.13
N GLU B 196 -17.78 6.26 -17.49
CA GLU B 196 -19.15 6.65 -17.40
C GLU B 196 -19.65 7.26 -18.73
N ASP B 197 -18.73 7.55 -19.66
CA ASP B 197 -19.09 8.02 -21.02
C ASP B 197 -19.52 6.81 -21.85
N ASN B 198 -19.31 5.58 -21.39
CA ASN B 198 -19.87 4.42 -22.12
C ASN B 198 -21.40 4.51 -21.82
N GLN B 199 -22.23 4.61 -22.85
CA GLN B 199 -23.66 4.83 -22.62
C GLN B 199 -24.32 3.62 -21.95
N ASN B 200 -23.89 2.38 -22.25
CA ASN B 200 -24.50 1.28 -21.50
C ASN B 200 -24.19 1.35 -19.99
N LYS B 201 -22.92 1.59 -19.68
CA LYS B 201 -22.55 1.65 -18.25
C LYS B 201 -23.30 2.78 -17.55
N ALA B 202 -23.43 3.94 -18.19
CA ALA B 202 -24.10 5.07 -17.55
C ALA B 202 -25.59 4.73 -17.35
N THR B 203 -26.17 4.04 -18.33
CA THR B 203 -27.55 3.62 -18.11
C THR B 203 -27.67 2.64 -16.90
N ALA B 204 -26.75 1.67 -16.75
CA ALA B 204 -26.89 0.73 -15.63
C ALA B 204 -26.68 1.54 -14.32
N ILE B 205 -25.72 2.46 -14.29
CA ILE B 205 -25.54 3.27 -13.07
C ILE B 205 -26.76 4.16 -12.74
N TYR B 206 -27.33 4.77 -13.78
CA TYR B 206 -28.52 5.57 -13.59
C TYR B 206 -29.63 4.69 -13.00
N ASN B 207 -29.79 3.49 -13.57
CA ASN B 207 -30.89 2.62 -13.10
C ASN B 207 -30.67 2.17 -11.64
N MET B 208 -29.42 1.89 -11.26
CA MET B 208 -29.10 1.52 -9.82
C MET B 208 -29.43 2.73 -8.89
N VAL B 209 -28.93 3.93 -9.21
CA VAL B 209 -29.15 5.08 -8.30
C VAL B 209 -30.66 5.37 -8.29
N LYS B 210 -31.32 5.30 -9.48
CA LYS B 210 -32.77 5.63 -9.53
C LYS B 210 -33.57 4.67 -8.62
N ASP B 211 -33.31 3.38 -8.72
CA ASP B 211 -34.04 2.39 -7.97
C ASP B 211 -33.83 2.62 -6.45
N ILE B 212 -32.55 2.71 -6.08
CA ILE B 212 -32.28 2.85 -4.66
C ILE B 212 -32.77 4.17 -4.11
N ASN B 213 -32.62 5.27 -4.86
CA ASN B 213 -33.09 6.55 -4.31
C ASN B 213 -34.64 6.69 -4.34
N ASP B 214 -35.26 6.17 -5.37
CA ASP B 214 -36.74 6.19 -5.41
C ASP B 214 -37.31 5.43 -4.22
N ARG B 215 -36.78 4.24 -3.89
CA ARG B 215 -37.29 3.49 -2.71
C ARG B 215 -37.08 4.28 -1.43
N TYR B 216 -35.90 4.89 -1.27
CA TYR B 216 -35.59 5.55 -0.03
C TYR B 216 -36.44 6.83 0.08
N ALA B 217 -36.56 7.59 -1.01
CA ALA B 217 -37.33 8.88 -0.91
C ALA B 217 -38.81 8.55 -0.64
N ALA B 218 -39.28 7.38 -1.06
CA ALA B 218 -40.73 7.02 -0.79
C ALA B 218 -40.94 6.82 0.72
N ALA B 219 -39.90 6.36 1.40
CA ALA B 219 -39.99 6.04 2.79
C ALA B 219 -39.52 7.19 3.68
N HIS B 220 -38.96 8.25 3.08
CA HIS B 220 -38.28 9.26 3.87
C HIS B 220 -38.62 10.66 3.39
N ASN B 221 -39.90 10.88 3.03
CA ASN B 221 -40.30 12.21 2.60
C ASN B 221 -39.49 12.83 1.55
N GLY B 222 -39.06 12.05 0.55
CA GLY B 222 -38.31 12.64 -0.56
C GLY B 222 -36.79 12.81 -0.36
N LYS B 223 -36.30 12.46 0.83
CA LYS B 223 -34.88 12.59 1.13
C LYS B 223 -34.07 11.65 0.23
N LEU B 224 -32.91 12.11 -0.18
CA LEU B 224 -32.01 11.25 -1.00
C LEU B 224 -31.20 10.28 -0.12
N LEU B 225 -31.00 9.06 -0.58
CA LEU B 225 -30.00 8.13 0.04
C LEU B 225 -28.60 8.40 -0.56
N ILE B 226 -28.51 8.24 -1.88
CA ILE B 226 -27.27 8.61 -2.63
C ILE B 226 -27.34 10.08 -3.03
N ASP B 227 -26.52 10.97 -2.46
CA ASP B 227 -26.55 12.42 -2.74
C ASP B 227 -25.88 12.77 -4.04
N GLY B 228 -24.87 11.97 -4.45
CA GLY B 228 -23.95 12.44 -5.50
C GLY B 228 -23.56 11.25 -6.38
N VAL B 229 -23.30 11.56 -7.65
CA VAL B 229 -22.67 10.56 -8.58
C VAL B 229 -21.33 11.18 -9.03
N GLY B 230 -20.26 10.43 -8.79
CA GLY B 230 -18.91 10.86 -9.22
C GLY B 230 -18.54 10.23 -10.57
N MET B 231 -18.35 11.09 -11.55
CA MET B 231 -17.89 10.71 -12.92
C MET B 231 -16.35 10.77 -12.76
N GLN B 232 -15.74 9.61 -12.74
CA GLN B 232 -14.27 9.67 -12.47
C GLN B 232 -13.49 10.49 -13.50
N GLY B 233 -13.88 10.40 -14.81
CA GLY B 233 -13.16 11.21 -15.74
C GLY B 233 -11.74 10.68 -16.05
N HIS B 234 -11.56 9.35 -16.04
CA HIS B 234 -10.27 8.80 -16.49
C HIS B 234 -10.39 8.63 -18.02
N TYR B 235 -10.17 9.77 -18.64
CA TYR B 235 -10.40 9.92 -20.08
C TYR B 235 -9.05 9.75 -20.86
N ASN B 236 -9.14 9.79 -22.19
CA ASN B 236 -7.97 9.61 -23.07
C ASN B 236 -8.20 10.46 -24.27
N ILE B 237 -7.20 10.45 -25.14
CA ILE B 237 -7.22 11.46 -26.23
C ILE B 237 -8.42 11.23 -27.16
N ASN B 238 -8.99 10.04 -27.15
CA ASN B 238 -10.09 9.74 -28.16
C ASN B 238 -11.47 9.90 -27.45
N THR B 239 -11.51 10.26 -26.15
CA THR B 239 -12.83 10.34 -25.48
C THR B 239 -13.67 11.37 -26.20
N ASN B 240 -14.97 11.01 -26.36
CA ASN B 240 -15.88 11.91 -27.09
C ASN B 240 -16.70 12.80 -26.10
N PRO B 241 -16.49 14.10 -26.11
CA PRO B 241 -17.20 14.93 -25.16
C PRO B 241 -18.71 14.94 -25.34
N ASP B 242 -19.20 14.52 -26.52
CA ASP B 242 -20.66 14.30 -26.65
C ASP B 242 -21.16 13.17 -25.79
N ASN B 243 -20.36 12.12 -25.60
CA ASN B 243 -20.78 10.99 -24.76
C ASN B 243 -20.69 11.43 -23.30
N VAL B 244 -19.63 12.20 -23.00
CA VAL B 244 -19.54 12.73 -21.60
C VAL B 244 -20.78 13.63 -21.32
N LYS B 245 -21.19 14.50 -22.31
CA LYS B 245 -22.37 15.35 -22.08
C LYS B 245 -23.65 14.50 -21.88
N LEU B 246 -23.84 13.45 -22.68
CA LEU B 246 -25.02 12.57 -22.51
C LEU B 246 -25.09 12.00 -21.10
N SER B 247 -23.95 11.51 -20.59
CA SER B 247 -23.92 10.85 -19.25
C SER B 247 -24.07 11.91 -18.19
N LEU B 248 -23.45 13.06 -18.35
CA LEU B 248 -23.59 14.08 -17.33
C LEU B 248 -25.07 14.51 -17.19
N GLU B 249 -25.72 14.73 -18.33
CA GLU B 249 -27.17 15.03 -18.33
C GLU B 249 -28.02 13.91 -17.70
N LYS B 250 -27.72 12.65 -18.02
CA LYS B 250 -28.44 11.51 -17.49
C LYS B 250 -28.28 11.53 -15.96
N PHE B 251 -27.06 11.76 -15.49
CA PHE B 251 -26.93 11.80 -13.98
C PHE B 251 -27.61 13.02 -13.34
N ILE B 252 -27.52 14.18 -13.97
CA ILE B 252 -28.17 15.37 -13.37
C ILE B 252 -29.71 15.09 -13.28
N SER B 253 -30.20 14.22 -14.19
CA SER B 253 -31.64 13.97 -14.20
C SER B 253 -32.13 13.18 -13.01
N LEU B 254 -31.22 12.59 -12.21
CA LEU B 254 -31.58 11.80 -11.03
C LEU B 254 -31.86 12.74 -9.88
N GLY B 255 -31.52 14.02 -10.04
CA GLY B 255 -31.70 15.00 -8.96
C GLY B 255 -30.58 14.92 -7.91
N VAL B 256 -29.47 14.29 -8.30
CA VAL B 256 -28.26 14.19 -7.43
C VAL B 256 -27.31 15.32 -7.79
N GLU B 257 -26.33 15.61 -6.92
CA GLU B 257 -25.24 16.48 -7.38
C GLU B 257 -24.21 15.54 -8.13
N VAL B 258 -23.43 16.14 -8.99
CA VAL B 258 -22.35 15.44 -9.71
C VAL B 258 -21.04 16.03 -9.38
N SER B 259 -20.02 15.16 -9.27
CA SER B 259 -18.64 15.66 -9.19
C SER B 259 -17.89 14.90 -10.29
N VAL B 260 -16.88 15.59 -10.83
CA VAL B 260 -15.91 14.91 -11.73
C VAL B 260 -14.71 14.63 -10.82
N SER B 261 -14.53 13.37 -10.49
CA SER B 261 -13.82 13.07 -9.19
C SER B 261 -12.35 12.69 -9.42
N GLU B 262 -11.95 12.22 -10.62
CA GLU B 262 -10.55 11.74 -10.82
C GLU B 262 -10.10 12.11 -12.21
N LEU B 263 -10.23 13.41 -12.60
CA LEU B 263 -10.09 13.77 -14.04
C LEU B 263 -8.65 13.64 -14.48
N ASP B 264 -8.42 12.97 -15.62
CA ASP B 264 -7.10 13.09 -16.26
C ASP B 264 -7.33 12.68 -17.72
N VAL B 265 -6.38 12.97 -18.58
CA VAL B 265 -6.56 12.66 -20.05
C VAL B 265 -5.22 12.04 -20.49
N THR B 266 -5.20 10.73 -20.67
CA THR B 266 -3.94 10.05 -21.14
C THR B 266 -3.65 10.56 -22.57
N ALA B 267 -2.38 10.77 -22.84
CA ALA B 267 -1.92 11.41 -24.14
C ALA B 267 -0.46 10.97 -24.31
N GLY B 268 -0.16 10.14 -25.30
CA GLY B 268 1.23 9.66 -25.40
C GLY B 268 1.56 8.45 -24.59
N ASN B 269 2.79 7.96 -24.72
CA ASN B 269 3.24 6.91 -23.79
C ASN B 269 4.76 6.98 -23.61
N ASN B 270 5.25 6.09 -22.76
N ASN B 270 5.36 6.15 -22.77
CA ASN B 270 6.66 6.06 -22.33
CA ASN B 270 6.82 6.27 -22.58
C ASN B 270 7.24 7.41 -21.95
C ASN B 270 7.26 7.63 -22.11
N TYR B 271 6.46 8.26 -21.27
CA TYR B 271 6.84 9.60 -20.82
C TYR B 271 7.10 10.61 -21.92
N THR B 272 6.55 10.37 -23.13
CA THR B 272 6.82 11.27 -24.19
C THR B 272 5.49 11.82 -24.62
N LEU B 273 5.34 13.12 -24.55
CA LEU B 273 4.12 13.76 -24.98
C LEU B 273 4.55 14.61 -26.17
N PRO B 274 4.21 14.09 -27.40
CA PRO B 274 4.47 14.87 -28.61
C PRO B 274 3.76 16.20 -28.55
N GLU B 275 4.35 17.21 -29.12
CA GLU B 275 3.75 18.51 -29.04
C GLU B 275 2.35 18.55 -29.63
N ASN B 276 2.14 17.83 -30.73
CA ASN B 276 0.77 17.88 -31.32
C ASN B 276 -0.28 17.26 -30.38
N LEU B 277 0.14 16.26 -29.61
CA LEU B 277 -0.76 15.60 -28.60
C LEU B 277 -0.92 16.46 -27.36
N ALA B 278 0.06 17.28 -27.08
CA ALA B 278 -0.13 18.23 -25.97
C ALA B 278 -1.24 19.25 -26.35
N VAL B 279 -1.24 19.73 -27.60
CA VAL B 279 -2.30 20.54 -28.14
C VAL B 279 -3.64 19.72 -28.18
N GLY B 280 -3.59 18.47 -28.58
CA GLY B 280 -4.81 17.64 -28.67
C GLY B 280 -5.42 17.45 -27.30
N GLN B 281 -4.52 17.26 -26.33
CA GLN B 281 -5.00 17.08 -24.93
C GLN B 281 -5.56 18.40 -24.40
N ALA B 282 -4.93 19.55 -24.65
CA ALA B 282 -5.49 20.82 -24.22
C ALA B 282 -6.85 21.08 -24.83
N TYR B 283 -7.00 20.73 -26.13
CA TYR B 283 -8.27 20.97 -26.83
C TYR B 283 -9.42 20.16 -26.13
N LEU B 284 -9.17 18.89 -25.80
CA LEU B 284 -10.17 18.04 -25.11
C LEU B 284 -10.44 18.60 -23.74
N TYR B 285 -9.36 19.01 -22.98
CA TYR B 285 -9.71 19.59 -21.68
C TYR B 285 -10.59 20.84 -21.79
N ALA B 286 -10.37 21.67 -22.83
CA ALA B 286 -11.20 22.86 -23.06
C ALA B 286 -12.64 22.44 -23.37
N GLN B 287 -12.79 21.37 -24.19
CA GLN B 287 -14.19 20.91 -24.51
C GLN B 287 -14.89 20.47 -23.23
N LEU B 288 -14.14 19.73 -22.35
CA LEU B 288 -14.76 19.19 -21.09
C LEU B 288 -15.11 20.39 -20.24
N PHE B 289 -14.18 21.33 -20.03
CA PHE B 289 -14.52 22.46 -19.19
C PHE B 289 -15.61 23.39 -19.70
N LYS B 290 -15.79 23.45 -21.02
CA LYS B 290 -16.95 24.20 -21.53
C LYS B 290 -18.22 23.50 -21.09
N LEU B 291 -18.26 22.18 -21.21
CA LEU B 291 -19.40 21.37 -20.75
C LEU B 291 -19.62 21.51 -19.20
N TYR B 292 -18.55 21.42 -18.36
CA TYR B 292 -18.75 21.56 -16.93
C TYR B 292 -19.21 22.97 -16.56
N LYS B 293 -18.69 24.00 -17.25
CA LYS B 293 -19.12 25.38 -16.99
C LYS B 293 -20.66 25.50 -17.29
N GLU B 294 -21.09 24.91 -18.39
N GLU B 294 -21.12 24.87 -18.38
CA GLU B 294 -22.50 24.99 -18.75
CA GLU B 294 -22.55 24.84 -18.84
C GLU B 294 -23.35 24.44 -17.61
C GLU B 294 -23.52 24.14 -17.85
N HIS B 295 -22.95 23.29 -17.00
CA HIS B 295 -23.75 22.59 -15.99
C HIS B 295 -23.26 22.79 -14.58
N ALA B 296 -22.61 23.95 -14.33
CA ALA B 296 -21.93 24.25 -13.03
C ALA B 296 -22.91 24.26 -11.86
N ASP B 297 -24.16 24.72 -12.08
CA ASP B 297 -25.13 24.58 -11.03
C ASP B 297 -25.31 23.20 -10.44
N HIS B 298 -25.03 22.14 -11.19
CA HIS B 298 -25.27 20.79 -10.72
C HIS B 298 -24.01 20.05 -10.39
N ILE B 299 -22.87 20.71 -10.60
CA ILE B 299 -21.51 20.04 -10.38
C ILE B 299 -20.92 20.71 -9.16
N ALA B 300 -20.66 19.86 -8.15
CA ALA B 300 -20.14 20.35 -6.81
C ALA B 300 -18.61 20.55 -6.83
N ARG B 301 -17.93 19.74 -7.63
CA ARG B 301 -16.47 19.63 -7.55
C ARG B 301 -15.95 19.02 -8.86
N VAL B 302 -14.81 19.54 -9.28
CA VAL B 302 -14.05 18.90 -10.37
C VAL B 302 -12.63 18.74 -9.76
N THR B 303 -12.28 17.46 -9.56
CA THR B 303 -10.96 17.10 -8.97
C THR B 303 -10.10 16.49 -10.11
N PHE B 304 -8.84 16.95 -10.19
CA PHE B 304 -7.84 16.35 -11.10
C PHE B 304 -7.17 15.22 -10.36
N TRP B 305 -6.88 14.11 -11.02
CA TRP B 305 -6.30 12.97 -10.31
C TRP B 305 -4.75 13.09 -10.28
N GLY B 306 -4.26 14.12 -9.57
CA GLY B 306 -2.80 14.36 -9.46
C GLY B 306 -2.46 15.77 -9.95
N MET B 307 -1.32 16.37 -9.56
N MET B 307 -1.25 16.20 -9.53
CA MET B 307 -1.03 17.74 -10.06
CA MET B 307 -0.76 17.57 -9.60
C MET B 307 -0.18 17.68 -11.31
C MET B 307 0.17 17.86 -10.78
N ASP B 308 0.80 16.78 -11.28
CA ASP B 308 1.82 16.88 -12.34
C ASP B 308 2.08 15.54 -12.99
N ASP B 309 2.44 15.61 -14.28
CA ASP B 309 2.58 14.37 -15.04
C ASP B 309 3.50 13.34 -14.44
N ASN B 310 4.59 13.80 -13.78
CA ASN B 310 5.58 12.81 -13.33
C ASN B 310 5.11 12.01 -12.08
N THR B 311 4.07 12.50 -11.42
CA THR B 311 3.63 11.83 -10.22
C THR B 311 2.24 11.27 -10.36
N SER B 312 1.70 11.31 -11.59
CA SER B 312 0.41 10.65 -11.84
C SER B 312 0.44 9.16 -11.68
N TRP B 313 -0.67 8.52 -11.30
CA TRP B 313 -0.74 7.05 -11.33
C TRP B 313 -0.50 6.46 -12.74
N ARG B 314 -0.68 7.35 -13.72
CA ARG B 314 -0.53 6.98 -15.19
C ARG B 314 0.55 7.88 -15.79
N ALA B 315 1.64 8.14 -15.02
CA ALA B 315 2.66 9.09 -15.40
C ALA B 315 3.23 8.87 -16.80
N GLU B 316 3.33 7.62 -17.19
CA GLU B 316 3.91 7.41 -18.53
C GLU B 316 3.07 7.97 -19.65
N ASN B 317 1.77 8.18 -19.36
CA ASN B 317 0.83 8.77 -20.32
C ASN B 317 0.51 10.26 -20.09
N ASN B 318 1.38 11.02 -19.35
CA ASN B 318 1.42 12.49 -19.41
C ASN B 318 0.03 13.15 -19.27
N PRO B 319 -0.70 12.85 -18.16
CA PRO B 319 -2.19 13.06 -18.24
C PRO B 319 -2.73 14.35 -17.65
N LEU B 320 -1.83 15.19 -17.12
CA LEU B 320 -2.28 16.30 -16.25
C LEU B 320 -1.98 17.70 -16.73
N LEU B 321 -2.22 18.69 -15.90
CA LEU B 321 -2.08 20.07 -16.29
C LEU B 321 -0.67 20.64 -16.22
N PHE B 322 0.18 20.08 -15.33
CA PHE B 322 1.51 20.60 -15.05
C PHE B 322 2.52 19.51 -15.36
N ASP B 323 3.70 19.97 -15.77
CA ASP B 323 4.77 19.00 -16.13
C ASP B 323 5.64 18.65 -14.89
N LYS B 324 6.66 17.81 -15.08
CA LYS B 324 7.47 17.32 -13.93
C LYS B 324 8.18 18.45 -13.15
N ASN B 325 8.37 19.64 -13.77
CA ASN B 325 8.96 20.78 -13.11
C ASN B 325 7.91 21.71 -12.56
N LEU B 326 6.67 21.20 -12.49
CA LEU B 326 5.54 22.02 -11.98
C LEU B 326 5.21 23.24 -12.83
N GLN B 327 5.55 23.15 -14.13
N GLN B 327 5.58 23.20 -14.11
CA GLN B 327 5.29 24.21 -15.11
CA GLN B 327 5.19 24.27 -15.04
C GLN B 327 3.99 23.93 -15.88
C GLN B 327 3.92 23.92 -15.79
N ALA B 328 3.14 24.95 -16.08
CA ALA B 328 1.87 24.77 -16.80
C ALA B 328 2.11 24.19 -18.20
N LYS B 329 1.32 23.15 -18.55
CA LYS B 329 1.30 22.57 -19.92
C LYS B 329 0.20 23.32 -20.71
N PRO B 330 0.16 23.06 -22.04
CA PRO B 330 -1.00 23.59 -22.86
C PRO B 330 -2.34 23.20 -22.20
N ALA B 331 -2.41 21.98 -21.64
CA ALA B 331 -3.62 21.50 -20.95
C ALA B 331 -4.09 22.53 -19.90
N TYR B 332 -3.17 23.12 -19.11
CA TYR B 332 -3.61 24.14 -18.14
C TYR B 332 -4.37 25.31 -18.78
N TYR B 333 -3.83 25.80 -19.93
CA TYR B 333 -4.50 26.93 -20.61
C TYR B 333 -5.84 26.55 -21.22
N GLY B 334 -5.95 25.30 -21.63
CA GLY B 334 -7.19 24.66 -22.11
C GLY B 334 -8.27 24.74 -21.03
N VAL B 335 -7.88 24.32 -19.83
CA VAL B 335 -8.80 24.34 -18.71
C VAL B 335 -9.22 25.76 -18.30
N ILE B 336 -8.30 26.74 -18.23
CA ILE B 336 -8.70 28.08 -17.86
C ILE B 336 -9.44 28.85 -19.02
N ASP B 337 -9.43 28.25 -20.24
CA ASP B 337 -10.30 28.42 -21.50
C ASP B 337 -9.83 29.52 -22.29
#